data_8VK9
#
_entry.id   8VK9
#
_cell.length_a   55.850
_cell.length_b   56.314
_cell.length_c   117.499
_cell.angle_alpha   86.48
_cell.angle_beta   78.47
_cell.angle_gamma   60.32
#
_symmetry.space_group_name_H-M   'P 1'
#
loop_
_entity.id
_entity.type
_entity.pdbx_description
1 polymer 'Ubiquitin-conjugating enzyme E2 D2'
2 polymer 'Ubiquitin variant D2.3'
3 non-polymer GLYCEROL
4 water water
#
loop_
_entity_poly.entity_id
_entity_poly.type
_entity_poly.pdbx_seq_one_letter_code
_entity_poly.pdbx_strand_id
1 'polypeptide(L)'
;GPLGSMALKRIHKELNDLARDPPAQSRAGPVGDDMFHWQATIMGPNDSPYQGGVFFLTIHFPTDYPFKPPKVAFTTRIYH
PNINSNGSICLDILRSQWSPALTISKVLLSISSLLSDPNPDDPLVPEIARIYKTDREKYNRIAREWTQKYAM
;
A,C,E,G
2 'polypeptide(L)'
;GPGDYKDDDDKMHIFVRTATLLMIILEVEPSDTIENVKAKIQDKEGIPPDQQSLVFRRKQLEDGRTLSDYNIRTGSILEL
VLRVPGKVLGGSGG
;
B,D,F,H
#
loop_
_chem_comp.id
_chem_comp.type
_chem_comp.name
_chem_comp.formula
GOL non-polymer GLYCEROL 'C3 H8 O3'
#
# COMPACT_ATOMS: atom_id res chain seq x y z
N PRO A 2 20.86 5.49 -31.24
CA PRO A 2 21.34 4.51 -30.26
C PRO A 2 20.19 3.86 -29.47
N LEU A 3 20.02 2.55 -29.61
CA LEU A 3 18.90 1.88 -28.96
C LEU A 3 19.31 0.66 -28.15
N GLY A 4 20.32 -0.09 -28.61
CA GLY A 4 20.63 -1.38 -28.01
C GLY A 4 21.92 -1.49 -27.22
N SER A 5 22.22 -0.48 -26.39
CA SER A 5 23.48 -0.48 -25.66
C SER A 5 23.60 -1.68 -24.72
N MET A 6 22.57 -1.93 -23.92
CA MET A 6 22.62 -3.05 -22.98
C MET A 6 22.71 -4.39 -23.71
N ALA A 7 21.94 -4.54 -24.78
CA ALA A 7 22.01 -5.77 -25.56
C ALA A 7 23.42 -6.02 -26.08
N LEU A 8 24.02 -5.00 -26.66
CA LEU A 8 25.33 -5.16 -27.31
C LEU A 8 26.42 -5.48 -26.28
N LYS A 9 26.39 -4.81 -25.13
CA LYS A 9 27.34 -5.13 -24.07
C LYS A 9 27.19 -6.58 -23.63
N ARG A 10 25.96 -7.04 -23.50
CA ARG A 10 25.70 -8.42 -23.10
C ARG A 10 26.09 -9.40 -24.20
N ILE A 11 25.77 -9.08 -25.46
CA ILE A 11 26.13 -9.96 -26.57
C ILE A 11 27.65 -10.10 -26.66
N HIS A 12 28.36 -8.99 -26.51
CA HIS A 12 29.82 -9.00 -26.51
C HIS A 12 30.39 -9.83 -25.36
N LYS A 13 29.79 -9.71 -24.18
CA LYS A 13 30.26 -10.50 -23.04
C LYS A 13 30.09 -11.98 -23.28
N GLU A 14 28.94 -12.39 -23.81
CA GLU A 14 28.73 -13.80 -24.10
C GLU A 14 29.70 -14.30 -25.16
N LEU A 15 29.96 -13.49 -26.18
CA LEU A 15 30.93 -13.87 -27.21
C LEU A 15 32.29 -14.17 -26.60
N ASN A 16 32.79 -13.26 -25.76
CA ASN A 16 34.10 -13.47 -25.17
C ASN A 16 34.08 -14.57 -24.13
N ASP A 17 32.95 -14.75 -23.43
CA ASP A 17 32.81 -15.88 -22.52
C ASP A 17 32.90 -17.20 -23.27
N LEU A 18 32.28 -17.27 -24.45
CA LEU A 18 32.39 -18.49 -25.27
C LEU A 18 33.82 -18.73 -25.71
N ALA A 19 34.56 -17.68 -26.02
CA ALA A 19 35.93 -17.84 -26.47
C ALA A 19 36.84 -18.30 -25.34
N ARG A 20 36.65 -17.74 -24.13
CA ARG A 20 37.49 -18.15 -23.01
C ARG A 20 37.21 -19.59 -22.60
N ASP A 21 35.94 -19.99 -22.63
CA ASP A 21 35.53 -21.35 -22.24
C ASP A 21 34.67 -21.94 -23.35
N PRO A 22 35.29 -22.51 -24.38
CA PRO A 22 34.54 -23.05 -25.51
C PRO A 22 33.59 -24.16 -25.07
N PRO A 23 32.37 -24.19 -25.62
CA PRO A 23 31.51 -25.35 -25.40
C PRO A 23 32.09 -26.60 -26.03
N ALA A 24 31.76 -27.74 -25.45
CA ALA A 24 32.24 -29.00 -26.00
C ALA A 24 31.61 -29.28 -27.37
N GLN A 25 30.32 -28.98 -27.53
CA GLN A 25 29.54 -29.51 -28.64
C GLN A 25 29.08 -28.45 -29.61
N SER A 26 29.52 -27.20 -29.47
CA SER A 26 28.95 -26.14 -30.28
C SER A 26 29.91 -24.97 -30.36
N ARG A 27 29.72 -24.16 -31.41
CA ARG A 27 30.42 -22.90 -31.56
C ARG A 27 29.42 -21.85 -32.01
N ALA A 28 29.66 -20.60 -31.64
CA ALA A 28 28.73 -19.54 -32.02
C ALA A 28 29.45 -18.20 -32.02
N GLY A 29 29.13 -17.38 -33.01
CA GLY A 29 29.68 -16.05 -33.10
C GLY A 29 29.21 -15.36 -34.37
N PRO A 30 29.49 -14.06 -34.48
CA PRO A 30 29.16 -13.35 -35.71
C PRO A 30 30.11 -13.74 -36.83
N VAL A 31 29.54 -14.01 -38.01
CA VAL A 31 30.35 -14.30 -39.19
C VAL A 31 30.39 -13.13 -40.17
N GLY A 32 29.48 -12.17 -40.05
CA GLY A 32 29.47 -10.97 -40.85
C GLY A 32 29.97 -9.76 -40.07
N ASP A 33 29.39 -8.60 -40.38
CA ASP A 33 29.82 -7.34 -39.78
C ASP A 33 28.73 -6.72 -38.92
N ASP A 34 27.86 -7.55 -38.35
CA ASP A 34 26.78 -7.09 -37.47
C ASP A 34 26.78 -7.95 -36.22
N MET A 35 26.93 -7.31 -35.06
CA MET A 35 27.08 -8.08 -33.83
C MET A 35 25.74 -8.67 -33.40
N PHE A 36 24.64 -8.13 -33.92
CA PHE A 36 23.29 -8.64 -33.67
C PHE A 36 23.00 -9.95 -34.39
N HIS A 37 23.83 -10.37 -35.35
CA HIS A 37 23.54 -11.54 -36.18
C HIS A 37 24.69 -12.53 -36.04
N TRP A 38 24.41 -13.68 -35.43
CA TRP A 38 25.40 -14.72 -35.22
C TRP A 38 25.08 -15.95 -36.07
N GLN A 39 26.12 -16.75 -36.28
CA GLN A 39 25.99 -18.09 -36.82
C GLN A 39 26.46 -19.07 -35.76
N ALA A 40 25.81 -20.23 -35.70
CA ALA A 40 26.19 -21.26 -34.74
C ALA A 40 26.22 -22.62 -35.44
N THR A 41 27.03 -23.51 -34.90
CA THR A 41 27.14 -24.89 -35.36
C THR A 41 27.06 -25.82 -34.15
N ILE A 42 26.32 -26.92 -34.28
CA ILE A 42 26.22 -27.88 -33.20
C ILE A 42 26.41 -29.28 -33.78
N MET A 43 26.89 -30.20 -32.95
CA MET A 43 26.90 -31.61 -33.31
C MET A 43 25.60 -32.27 -32.90
N GLY A 44 25.05 -33.08 -33.81
CA GLY A 44 23.97 -33.96 -33.47
C GLY A 44 24.41 -34.86 -32.34
N PRO A 45 23.60 -34.95 -31.29
CA PRO A 45 24.01 -35.70 -30.11
C PRO A 45 24.20 -37.17 -30.40
N ASN A 46 25.13 -37.79 -29.67
CA ASN A 46 25.25 -39.23 -29.70
C ASN A 46 24.02 -39.86 -29.07
N ASP A 47 23.76 -41.12 -29.44
CA ASP A 47 22.55 -41.85 -29.03
C ASP A 47 21.29 -41.17 -29.58
N SER A 48 21.42 -40.46 -30.68
CA SER A 48 20.32 -39.83 -31.39
C SER A 48 20.53 -40.07 -32.88
N PRO A 49 19.45 -40.04 -33.67
CA PRO A 49 19.62 -40.27 -35.12
C PRO A 49 20.34 -39.15 -35.85
N TYR A 50 20.61 -38.02 -35.20
CA TYR A 50 21.37 -36.93 -35.80
C TYR A 50 22.86 -37.03 -35.50
N GLN A 51 23.29 -38.13 -34.88
CA GLN A 51 24.68 -38.29 -34.47
C GLN A 51 25.62 -38.12 -35.65
N GLY A 52 26.62 -37.26 -35.49
CA GLY A 52 27.61 -37.03 -36.51
C GLY A 52 27.28 -35.94 -37.52
N GLY A 53 26.05 -35.43 -37.50
CA GLY A 53 25.71 -34.35 -38.41
C GLY A 53 26.24 -33.01 -37.95
N VAL A 54 26.47 -32.13 -38.93
CA VAL A 54 26.90 -30.75 -38.68
C VAL A 54 25.72 -29.86 -38.99
N PHE A 55 25.15 -29.22 -37.98
CA PHE A 55 23.98 -28.38 -38.18
C PHE A 55 24.35 -26.93 -37.97
N PHE A 56 24.09 -26.11 -38.98
CA PHE A 56 24.31 -24.68 -38.90
C PHE A 56 23.02 -23.99 -38.50
N LEU A 57 23.14 -22.96 -37.67
CA LEU A 57 22.02 -22.19 -37.18
C LEU A 57 22.33 -20.71 -37.31
N THR A 58 21.27 -19.91 -37.32
CA THR A 58 21.38 -18.46 -37.26
C THR A 58 20.80 -17.97 -35.94
N ILE A 59 21.41 -16.91 -35.41
CA ILE A 59 20.95 -16.27 -34.18
C ILE A 59 20.77 -14.79 -34.47
N HIS A 60 19.59 -14.25 -34.21
CA HIS A 60 19.29 -12.83 -34.39
C HIS A 60 18.86 -12.26 -33.04
N PHE A 61 19.75 -11.47 -32.42
CA PHE A 61 19.46 -10.85 -31.13
C PHE A 61 18.57 -9.62 -31.31
N PRO A 62 17.52 -9.46 -30.50
CA PRO A 62 16.77 -8.20 -30.52
C PRO A 62 17.52 -7.09 -29.80
N THR A 63 17.09 -5.85 -30.06
CA THR A 63 17.73 -4.70 -29.44
C THR A 63 17.40 -4.56 -27.95
N ASP A 64 16.42 -5.30 -27.44
CA ASP A 64 16.14 -5.32 -26.01
C ASP A 64 16.59 -6.63 -25.35
N TYR A 65 17.43 -7.39 -26.04
CA TYR A 65 18.14 -8.49 -25.39
C TYR A 65 18.87 -7.97 -24.16
N PRO A 66 18.96 -8.74 -23.06
CA PRO A 66 18.47 -10.10 -22.83
C PRO A 66 17.07 -10.17 -22.25
N PHE A 67 16.30 -9.08 -22.32
CA PHE A 67 14.95 -9.10 -21.79
C PHE A 67 14.02 -9.91 -22.69
N LYS A 68 14.29 -9.94 -24.00
CA LYS A 68 13.62 -10.75 -25.01
C LYS A 68 14.58 -11.81 -25.56
N PRO A 69 14.08 -12.97 -25.95
CA PRO A 69 14.96 -14.04 -26.43
C PRO A 69 15.52 -13.73 -27.81
N PRO A 70 16.64 -14.35 -28.17
CA PRO A 70 17.08 -14.27 -29.56
C PRO A 70 16.20 -15.11 -30.46
N LYS A 71 16.19 -14.75 -31.75
CA LYS A 71 15.51 -15.55 -32.76
C LYS A 71 16.50 -16.56 -33.32
N VAL A 72 16.24 -17.85 -33.12
CA VAL A 72 17.16 -18.91 -33.48
C VAL A 72 16.47 -19.87 -34.43
N ALA A 73 17.17 -20.23 -35.51
CA ALA A 73 16.61 -21.13 -36.51
C ALA A 73 17.71 -21.97 -37.12
N PHE A 74 17.34 -23.15 -37.60
CA PHE A 74 18.26 -24.00 -38.35
C PHE A 74 18.38 -23.51 -39.79
N THR A 75 19.61 -23.53 -40.30
CA THR A 75 19.78 -23.37 -41.74
C THR A 75 19.90 -24.74 -42.41
N THR A 76 20.55 -25.68 -41.74
CA THR A 76 20.59 -27.06 -42.21
C THR A 76 19.20 -27.68 -42.15
N ARG A 77 18.81 -28.39 -43.20
CA ARG A 77 17.56 -29.12 -43.17
C ARG A 77 17.64 -30.27 -42.18
N ILE A 78 16.55 -30.52 -41.47
CA ILE A 78 16.53 -31.52 -40.41
C ILE A 78 15.11 -32.09 -40.30
N TYR A 79 15.03 -33.39 -40.03
CA TYR A 79 13.77 -34.10 -39.86
C TYR A 79 13.48 -34.22 -38.38
N HIS A 80 12.52 -33.42 -37.88
CA HIS A 80 12.34 -33.30 -36.44
C HIS A 80 10.95 -32.77 -36.15
N PRO A 81 10.25 -33.32 -35.16
CA PRO A 81 8.87 -32.86 -34.90
C PRO A 81 8.77 -31.39 -34.52
N ASN A 82 9.81 -30.83 -33.90
CA ASN A 82 9.75 -29.47 -33.36
C ASN A 82 10.50 -28.46 -34.23
N ILE A 83 10.96 -28.85 -35.41
CA ILE A 83 11.62 -27.95 -36.34
C ILE A 83 10.98 -28.12 -37.71
N ASN A 84 10.53 -27.02 -38.30
CA ASN A 84 9.81 -27.09 -39.56
C ASN A 84 10.76 -26.91 -40.75
N SER A 85 10.20 -26.94 -41.96
CA SER A 85 11.01 -26.88 -43.16
C SER A 85 11.65 -25.51 -43.39
N ASN A 86 11.21 -24.48 -42.67
CA ASN A 86 11.85 -23.17 -42.71
C ASN A 86 12.97 -23.04 -41.69
N GLY A 87 13.22 -24.08 -40.90
CA GLY A 87 14.21 -24.01 -39.84
C GLY A 87 13.72 -23.44 -38.53
N SER A 88 12.44 -23.09 -38.43
CA SER A 88 11.91 -22.56 -37.18
CA SER A 88 11.91 -22.56 -37.18
C SER A 88 11.91 -23.64 -36.10
N ILE A 89 12.17 -23.23 -34.87
CA ILE A 89 12.30 -24.13 -33.73
C ILE A 89 11.18 -23.85 -32.73
N CYS A 90 10.48 -24.89 -32.31
CA CYS A 90 9.51 -24.80 -31.21
C CYS A 90 10.24 -25.23 -29.94
N LEU A 91 10.61 -24.26 -29.11
CA LEU A 91 11.36 -24.50 -27.89
C LEU A 91 10.89 -23.49 -26.85
N ASP A 92 10.56 -23.98 -25.65
CA ASP A 92 9.89 -23.14 -24.65
C ASP A 92 10.75 -21.94 -24.25
N ILE A 93 12.05 -22.16 -24.01
CA ILE A 93 12.90 -21.07 -23.54
C ILE A 93 13.09 -19.99 -24.58
N LEU A 94 12.67 -20.22 -25.82
CA LEU A 94 12.69 -19.21 -26.86
C LEU A 94 11.35 -18.50 -27.02
N ARG A 95 10.30 -18.92 -26.31
CA ARG A 95 8.99 -18.30 -26.45
C ARG A 95 8.52 -17.60 -25.19
N SER A 96 8.30 -18.34 -24.10
CA SER A 96 7.76 -17.73 -22.87
C SER A 96 8.45 -18.19 -21.61
N GLN A 97 9.25 -19.26 -21.65
CA GLN A 97 10.13 -19.60 -20.54
C GLN A 97 11.49 -18.93 -20.67
N TRP A 98 11.64 -17.97 -21.58
CA TRP A 98 12.87 -17.20 -21.64
C TRP A 98 13.08 -16.43 -20.35
N SER A 99 14.33 -16.38 -19.90
CA SER A 99 14.71 -15.56 -18.77
C SER A 99 15.99 -14.81 -19.12
N PRO A 100 16.15 -13.56 -18.69
CA PRO A 100 17.36 -12.82 -19.04
C PRO A 100 18.63 -13.45 -18.48
N ALA A 101 18.51 -14.36 -17.51
CA ALA A 101 19.66 -15.14 -17.06
C ALA A 101 20.11 -16.17 -18.08
N LEU A 102 19.30 -16.46 -19.09
CA LEU A 102 19.69 -17.41 -20.13
C LEU A 102 20.67 -16.77 -21.11
N THR A 103 21.51 -17.62 -21.69
CA THR A 103 22.56 -17.20 -22.61
C THR A 103 22.48 -18.05 -23.87
N ILE A 104 23.22 -17.63 -24.91
CA ILE A 104 23.33 -18.43 -26.11
C ILE A 104 23.89 -19.81 -25.77
N SER A 105 24.83 -19.84 -24.82
CA SER A 105 25.39 -21.11 -24.37
C SER A 105 24.30 -22.07 -23.89
N LYS A 106 23.40 -21.58 -23.04
CA LYS A 106 22.32 -22.45 -22.56
C LYS A 106 21.32 -22.78 -23.66
N VAL A 107 21.06 -21.84 -24.57
CA VAL A 107 20.16 -22.12 -25.68
C VAL A 107 20.70 -23.24 -26.56
N LEU A 108 22.01 -23.22 -26.84
CA LEU A 108 22.61 -24.28 -27.64
C LEU A 108 22.52 -25.62 -26.94
N LEU A 109 22.70 -25.63 -25.62
CA LEU A 109 22.51 -26.86 -24.85
C LEU A 109 21.07 -27.35 -24.94
N SER A 110 20.10 -26.43 -24.83
CA SER A 110 18.70 -26.81 -24.91
CA SER A 110 18.70 -26.81 -24.91
C SER A 110 18.35 -27.36 -26.30
N ILE A 111 18.87 -26.72 -27.35
CA ILE A 111 18.61 -27.21 -28.71
C ILE A 111 19.18 -28.62 -28.88
N SER A 112 20.40 -28.83 -28.37
CA SER A 112 20.97 -30.17 -28.37
C SER A 112 20.10 -31.15 -27.61
N SER A 113 19.55 -30.73 -26.46
CA SER A 113 18.66 -31.61 -25.71
C SER A 113 17.40 -31.92 -26.49
N LEU A 114 16.90 -30.94 -27.26
CA LEU A 114 15.71 -31.17 -28.07
C LEU A 114 15.97 -32.19 -29.17
N LEU A 115 17.16 -32.16 -29.77
CA LEU A 115 17.48 -33.15 -30.79
C LEU A 115 17.53 -34.55 -30.20
N SER A 116 18.06 -34.69 -28.98
CA SER A 116 18.09 -35.99 -28.31
C SER A 116 16.69 -36.46 -27.97
N ASP A 117 15.88 -35.57 -27.39
CA ASP A 117 14.55 -35.91 -26.88
C ASP A 117 13.54 -34.91 -27.41
N PRO A 118 12.90 -35.21 -28.55
CA PRO A 118 11.89 -34.30 -29.08
C PRO A 118 10.69 -34.19 -28.16
N ASN A 119 9.91 -33.13 -28.36
CA ASN A 119 8.65 -32.95 -27.65
C ASN A 119 7.49 -33.15 -28.62
N PRO A 120 7.09 -34.39 -28.89
CA PRO A 120 6.07 -34.64 -29.92
C PRO A 120 4.68 -34.15 -29.54
N ASP A 121 4.42 -33.85 -28.27
CA ASP A 121 3.11 -33.34 -27.88
C ASP A 121 2.99 -31.83 -28.05
N ASP A 122 4.09 -31.15 -28.39
CA ASP A 122 4.07 -29.73 -28.74
C ASP A 122 4.81 -29.56 -30.06
N PRO A 123 4.25 -30.06 -31.16
CA PRO A 123 4.98 -30.13 -32.42
C PRO A 123 4.83 -28.88 -33.28
N LEU A 124 5.81 -28.69 -34.15
CA LEU A 124 5.67 -27.78 -35.28
C LEU A 124 5.25 -28.49 -36.56
N VAL A 125 5.59 -29.77 -36.68
CA VAL A 125 5.19 -30.59 -37.81
C VAL A 125 4.41 -31.79 -37.28
N PRO A 126 3.09 -31.70 -37.18
CA PRO A 126 2.32 -32.78 -36.53
C PRO A 126 2.52 -34.15 -37.16
N GLU A 127 2.63 -34.22 -38.49
CA GLU A 127 2.80 -35.52 -39.13
C GLU A 127 4.10 -36.19 -38.72
N ILE A 128 5.16 -35.39 -38.52
CA ILE A 128 6.42 -35.96 -38.03
C ILE A 128 6.26 -36.40 -36.58
N ALA A 129 5.55 -35.61 -35.77
CA ALA A 129 5.30 -36.00 -34.39
C ALA A 129 4.53 -37.31 -34.31
N ARG A 130 3.55 -37.49 -35.20
CA ARG A 130 2.78 -38.74 -35.19
C ARG A 130 3.67 -39.93 -35.50
N ILE A 131 4.56 -39.81 -36.48
CA ILE A 131 5.49 -40.90 -36.77
C ILE A 131 6.41 -41.15 -35.57
N TYR A 132 6.91 -40.09 -34.94
CA TYR A 132 7.74 -40.25 -33.74
C TYR A 132 6.99 -41.03 -32.67
N LYS A 133 5.70 -40.75 -32.49
CA LYS A 133 4.92 -41.35 -31.42
C LYS A 133 4.52 -42.79 -31.73
N THR A 134 4.21 -43.11 -32.99
CA THR A 134 3.67 -44.42 -33.34
C THR A 134 4.66 -45.34 -34.04
N ASP A 135 5.58 -44.81 -34.86
CA ASP A 135 6.59 -45.65 -35.53
C ASP A 135 7.95 -45.00 -35.31
N ARG A 136 8.55 -45.30 -34.16
CA ARG A 136 9.81 -44.67 -33.78
C ARG A 136 10.92 -45.01 -34.76
N GLU A 137 10.99 -46.28 -35.18
CA GLU A 137 12.09 -46.70 -36.05
C GLU A 137 12.01 -46.07 -37.43
N LYS A 138 10.80 -45.84 -37.94
CA LYS A 138 10.66 -45.09 -39.19
C LYS A 138 11.17 -43.67 -39.04
N TYR A 139 10.83 -43.00 -37.94
CA TYR A 139 11.36 -41.66 -37.69
C TYR A 139 12.88 -41.69 -37.56
N ASN A 140 13.42 -42.69 -36.85
CA ASN A 140 14.86 -42.80 -36.70
C ASN A 140 15.54 -42.99 -38.05
N ARG A 141 14.95 -43.83 -38.92
CA ARG A 141 15.52 -44.06 -40.24
C ARG A 141 15.57 -42.77 -41.04
N ILE A 142 14.44 -42.05 -41.10
CA ILE A 142 14.39 -40.83 -41.90
C ILE A 142 15.32 -39.78 -41.33
N ALA A 143 15.34 -39.63 -40.01
CA ALA A 143 16.22 -38.64 -39.39
C ALA A 143 17.69 -38.95 -39.67
N ARG A 144 18.06 -40.23 -39.62
CA ARG A 144 19.42 -40.63 -39.97
C ARG A 144 19.73 -40.33 -41.44
N GLU A 145 18.80 -40.69 -42.33
CA GLU A 145 19.01 -40.46 -43.75
C GLU A 145 19.15 -38.96 -44.05
N TRP A 146 18.34 -38.13 -43.39
CA TRP A 146 18.44 -36.69 -43.59
C TRP A 146 19.71 -36.12 -42.97
N THR A 147 20.22 -36.76 -41.92
CA THR A 147 21.50 -36.33 -41.37
C THR A 147 22.64 -36.58 -42.35
N GLN A 148 22.64 -37.75 -43.01
CA GLN A 148 23.63 -38.01 -44.04
C GLN A 148 23.46 -37.08 -45.24
N LYS A 149 22.22 -36.85 -45.67
CA LYS A 149 21.99 -36.06 -46.88
C LYS A 149 22.38 -34.59 -46.68
N TYR A 150 22.00 -34.01 -45.54
CA TYR A 150 22.02 -32.55 -45.38
C TYR A 150 23.06 -32.05 -44.39
N ALA A 151 23.45 -32.86 -43.41
CA ALA A 151 24.32 -32.40 -42.32
C ALA A 151 25.67 -33.09 -42.33
N MET A 152 26.02 -33.74 -43.44
CA MET A 152 27.32 -34.38 -43.58
C MET A 152 27.88 -34.04 -44.96
N ASP B 10 21.03 5.46 -23.53
CA ASP B 10 21.00 4.94 -24.89
C ASP B 10 22.24 5.42 -25.65
N LYS B 11 23.20 4.53 -25.85
CA LYS B 11 24.49 4.90 -26.43
C LYS B 11 24.88 3.91 -27.53
N MET B 12 25.86 4.33 -28.33
CA MET B 12 26.31 3.62 -29.51
C MET B 12 27.53 2.77 -29.20
N HIS B 13 27.55 1.55 -29.73
CA HIS B 13 28.69 0.65 -29.62
C HIS B 13 29.04 0.07 -30.99
N ILE B 14 30.34 0.04 -31.29
CA ILE B 14 30.87 -0.66 -32.45
C ILE B 14 31.91 -1.66 -31.96
N PHE B 15 32.35 -2.52 -32.88
CA PHE B 15 33.25 -3.61 -32.54
C PHE B 15 34.38 -3.70 -33.56
N VAL B 16 35.53 -4.18 -33.09
CA VAL B 16 36.74 -4.22 -33.90
C VAL B 16 37.29 -5.64 -33.83
N ARG B 17 37.31 -6.32 -34.98
CA ARG B 17 37.76 -7.70 -35.08
C ARG B 17 39.22 -7.74 -35.50
N THR B 18 40.00 -8.58 -34.83
CA THR B 18 41.41 -8.79 -35.16
C THR B 18 41.69 -10.27 -35.30
N ALA B 19 42.87 -10.59 -35.84
CA ALA B 19 43.28 -11.98 -35.97
C ALA B 19 43.72 -12.58 -34.65
N THR B 20 44.20 -11.76 -33.71
CA THR B 20 44.86 -12.26 -32.52
C THR B 20 44.17 -11.93 -31.20
N LEU B 21 43.22 -11.00 -31.17
CA LEU B 21 42.65 -10.55 -29.92
C LEU B 21 41.15 -10.80 -29.90
N LEU B 22 40.61 -10.85 -28.69
CA LEU B 22 39.17 -10.94 -28.52
C LEU B 22 38.50 -9.71 -29.13
N MET B 23 37.26 -9.90 -29.61
CA MET B 23 36.42 -8.80 -30.04
C MET B 23 36.57 -7.61 -29.11
N ILE B 24 36.86 -6.44 -29.69
CA ILE B 24 36.99 -5.20 -28.93
C ILE B 24 35.67 -4.44 -29.04
N ILE B 25 35.17 -3.95 -27.91
CA ILE B 25 33.98 -3.11 -27.90
C ILE B 25 34.42 -1.67 -27.70
N LEU B 26 33.83 -0.76 -28.47
CA LEU B 26 34.10 0.66 -28.37
C LEU B 26 32.79 1.41 -28.14
N GLU B 27 32.87 2.48 -27.35
CA GLU B 27 31.75 3.39 -27.17
C GLU B 27 32.02 4.64 -28.00
N VAL B 28 31.11 4.92 -28.94
CA VAL B 28 31.33 5.96 -29.94
C VAL B 28 30.04 6.72 -30.17
N GLU B 29 30.14 7.76 -30.99
CA GLU B 29 29.02 8.54 -31.51
C GLU B 29 29.19 8.68 -33.01
N PRO B 30 28.10 8.87 -33.75
CA PRO B 30 28.24 8.99 -35.22
C PRO B 30 29.16 10.12 -35.64
N SER B 31 29.33 11.15 -34.80
CA SER B 31 30.23 12.25 -35.12
C SER B 31 31.70 11.92 -34.88
N ASP B 32 31.99 10.80 -34.21
CA ASP B 32 33.39 10.42 -33.98
C ASP B 32 34.10 10.15 -35.30
N THR B 33 35.35 10.57 -35.37
CA THR B 33 36.17 10.33 -36.55
C THR B 33 37.01 9.07 -36.37
N ILE B 34 37.59 8.60 -37.49
CA ILE B 34 38.40 7.39 -37.43
C ILE B 34 39.61 7.59 -36.52
N GLU B 35 40.16 8.80 -36.47
CA GLU B 35 41.22 9.08 -35.50
C GLU B 35 40.74 8.90 -34.07
N ASN B 36 39.54 9.39 -33.77
CA ASN B 36 38.96 9.16 -32.44
C ASN B 36 38.86 7.66 -32.16
N VAL B 37 38.30 6.91 -33.11
CA VAL B 37 38.17 5.46 -32.94
C VAL B 37 39.54 4.82 -32.75
N LYS B 38 40.51 5.24 -33.58
CA LYS B 38 41.88 4.74 -33.41
C LYS B 38 42.42 5.10 -32.03
N ALA B 39 42.12 6.30 -31.54
CA ALA B 39 42.55 6.70 -30.21
C ALA B 39 41.95 5.82 -29.12
N LYS B 40 40.65 5.50 -29.24
CA LYS B 40 40.02 4.61 -28.27
C LYS B 40 40.61 3.20 -28.35
N ILE B 41 40.96 2.75 -29.56
CA ILE B 41 41.61 1.46 -29.70
C ILE B 41 42.96 1.47 -28.98
N GLN B 42 43.68 2.60 -29.06
CA GLN B 42 44.96 2.73 -28.38
C GLN B 42 44.81 2.56 -26.87
N ASP B 43 43.76 3.13 -26.28
CA ASP B 43 43.57 3.03 -24.84
C ASP B 43 43.28 1.61 -24.40
N LYS B 44 42.54 0.85 -25.20
CA LYS B 44 42.13 -0.50 -24.82
C LYS B 44 43.13 -1.57 -25.23
N GLU B 45 43.94 -1.33 -26.27
CA GLU B 45 44.88 -2.33 -26.76
C GLU B 45 46.32 -1.87 -26.84
N GLY B 46 46.60 -0.57 -26.72
CA GLY B 46 47.96 -0.08 -26.77
C GLY B 46 48.56 0.05 -28.16
N ILE B 47 47.75 -0.06 -29.21
CA ILE B 47 48.24 -0.03 -30.58
C ILE B 47 48.20 1.41 -31.07
N PRO B 48 49.31 1.97 -31.55
CA PRO B 48 49.31 3.39 -31.96
C PRO B 48 48.45 3.63 -33.19
N PRO B 49 47.76 4.76 -33.25
CA PRO B 49 46.83 5.00 -34.37
C PRO B 49 47.48 4.97 -35.74
N ASP B 50 48.70 5.48 -35.88
CA ASP B 50 49.33 5.49 -37.20
C ASP B 50 49.68 4.09 -37.68
N GLN B 51 49.61 3.09 -36.81
CA GLN B 51 49.85 1.70 -37.17
C GLN B 51 48.58 0.93 -37.51
N GLN B 52 47.41 1.55 -37.38
CA GLN B 52 46.15 0.83 -37.50
C GLN B 52 45.49 1.13 -38.83
N SER B 53 45.00 0.07 -39.48
CA SER B 53 44.16 0.20 -40.67
C SER B 53 42.79 -0.38 -40.34
N LEU B 54 41.76 0.43 -40.52
CA LEU B 54 40.39 0.04 -40.18
C LEU B 54 39.59 -0.19 -41.46
N VAL B 55 38.83 -1.28 -41.49
CA VAL B 55 38.07 -1.68 -42.66
C VAL B 55 36.63 -1.98 -42.25
N PHE B 56 35.68 -1.44 -43.01
CA PHE B 56 34.26 -1.79 -42.86
C PHE B 56 33.72 -2.20 -44.20
N ARG B 57 33.20 -3.42 -44.29
CA ARG B 57 32.65 -3.97 -45.54
C ARG B 57 33.65 -3.83 -46.68
N ARG B 58 34.89 -4.27 -46.42
CA ARG B 58 36.00 -4.26 -47.37
C ARG B 58 36.39 -2.87 -47.84
N LYS B 59 35.88 -1.82 -47.20
CA LYS B 59 36.21 -0.45 -47.55
C LYS B 59 37.20 0.12 -46.54
N GLN B 60 38.27 0.73 -47.04
CA GLN B 60 39.27 1.32 -46.16
C GLN B 60 38.71 2.55 -45.47
N LEU B 61 38.94 2.67 -44.16
CA LEU B 61 38.43 3.77 -43.37
C LEU B 61 39.53 4.81 -43.22
N GLU B 62 39.25 6.03 -43.66
CA GLU B 62 40.23 7.09 -43.71
C GLU B 62 40.07 8.03 -42.52
N ASP B 63 41.20 8.45 -41.96
CA ASP B 63 41.21 9.09 -40.64
C ASP B 63 40.37 10.35 -40.59
N GLY B 64 40.30 11.11 -41.69
CA GLY B 64 39.59 12.38 -41.66
C GLY B 64 38.08 12.26 -41.58
N ARG B 65 37.52 11.12 -41.99
CA ARG B 65 36.07 10.96 -42.07
C ARG B 65 35.49 10.64 -40.70
N THR B 66 34.16 10.52 -40.65
CA THR B 66 33.42 10.13 -39.45
C THR B 66 32.69 8.82 -39.71
N LEU B 67 32.11 8.26 -38.65
CA LEU B 67 31.41 6.98 -38.78
C LEU B 67 30.11 7.13 -39.57
N SER B 68 29.38 8.23 -39.35
CA SER B 68 28.18 8.47 -40.14
C SER B 68 28.50 8.65 -41.62
N ASP B 69 29.73 9.05 -41.94
CA ASP B 69 30.16 9.11 -43.34
C ASP B 69 30.17 7.72 -43.96
N TYR B 70 30.59 6.71 -43.20
CA TYR B 70 30.65 5.35 -43.67
C TYR B 70 29.37 4.56 -43.38
N ASN B 71 28.35 5.21 -42.84
CA ASN B 71 27.08 4.57 -42.48
C ASN B 71 27.28 3.44 -41.47
N ILE B 72 28.22 3.63 -40.56
CA ILE B 72 28.48 2.64 -39.51
C ILE B 72 27.45 2.85 -38.41
N ARG B 73 26.54 1.89 -38.25
CA ARG B 73 25.49 1.97 -37.24
C ARG B 73 25.93 1.26 -35.97
N THR B 74 25.08 1.29 -34.95
CA THR B 74 25.39 0.59 -33.72
C THR B 74 25.44 -0.92 -33.96
N GLY B 75 26.39 -1.58 -33.33
CA GLY B 75 26.58 -3.01 -33.52
C GLY B 75 27.43 -3.40 -34.71
N SER B 76 27.90 -2.44 -35.50
CA SER B 76 28.77 -2.77 -36.63
C SER B 76 30.10 -3.32 -36.16
N ILE B 77 30.66 -4.22 -36.96
CA ILE B 77 31.94 -4.86 -36.67
C ILE B 77 32.95 -4.38 -37.71
N LEU B 78 34.02 -3.76 -37.25
CA LEU B 78 35.12 -3.33 -38.09
C LEU B 78 36.23 -4.36 -38.05
N GLU B 79 37.12 -4.29 -39.04
CA GLU B 79 38.33 -5.10 -39.06
C GLU B 79 39.54 -4.22 -38.79
N LEU B 80 40.47 -4.73 -38.00
CA LEU B 80 41.71 -4.03 -37.71
C LEU B 80 42.88 -4.87 -38.18
N VAL B 81 43.74 -4.26 -39.00
CA VAL B 81 45.00 -4.86 -39.40
C VAL B 81 46.10 -3.81 -39.23
N LEU B 82 47.30 -4.27 -38.95
CA LEU B 82 48.42 -3.36 -38.76
C LEU B 82 48.95 -2.86 -40.11
N ARG B 83 49.43 -1.62 -40.12
CA ARG B 83 49.91 -0.97 -41.34
C ARG B 83 51.28 -0.35 -41.12
N PRO C 2 -17.12 -6.85 -7.44
CA PRO C 2 -16.66 -5.46 -7.47
C PRO C 2 -15.31 -5.28 -6.77
N LEU C 3 -15.13 -4.16 -6.07
CA LEU C 3 -13.95 -3.96 -5.21
C LEU C 3 -12.62 -3.99 -5.95
N GLY C 4 -12.26 -2.89 -6.62
CA GLY C 4 -10.93 -2.78 -7.18
C GLY C 4 -10.84 -2.14 -8.55
N SER C 5 -11.90 -1.48 -8.98
CA SER C 5 -11.93 -0.86 -10.31
C SER C 5 -10.83 0.20 -10.44
N MET C 6 -10.71 1.08 -9.44
CA MET C 6 -9.72 2.16 -9.53
C MET C 6 -8.30 1.61 -9.52
N ALA C 7 -8.04 0.58 -8.70
CA ALA C 7 -6.74 -0.04 -8.67
C ALA C 7 -6.37 -0.64 -10.02
N LEU C 8 -7.32 -1.35 -10.64
CA LEU C 8 -7.04 -2.03 -11.91
C LEU C 8 -6.77 -1.04 -13.04
N LYS C 9 -7.52 0.05 -13.09
CA LYS C 9 -7.28 1.07 -14.10
C LYS C 9 -5.88 1.68 -13.93
N ARG C 10 -5.48 1.92 -12.68
CA ARG C 10 -4.15 2.45 -12.40
C ARG C 10 -3.06 1.43 -12.71
N ILE C 11 -3.27 0.18 -12.32
CA ILE C 11 -2.31 -0.88 -12.61
C ILE C 11 -2.14 -1.05 -14.12
N HIS C 12 -3.26 -1.04 -14.84
CA HIS C 12 -3.23 -1.15 -16.30
C HIS C 12 -2.52 0.05 -16.91
N LYS C 13 -2.76 1.25 -16.38
CA LYS C 13 -2.07 2.43 -16.89
C LYS C 13 -0.56 2.32 -16.68
N GLU C 14 -0.13 1.84 -15.51
CA GLU C 14 1.30 1.66 -15.26
C GLU C 14 1.90 0.62 -16.20
N LEU C 15 1.18 -0.49 -16.42
CA LEU C 15 1.68 -1.53 -17.32
C LEU C 15 1.96 -0.96 -18.70
N ASN C 16 0.99 -0.22 -19.27
CA ASN C 16 1.19 0.31 -20.61
C ASN C 16 2.23 1.41 -20.63
N ASP C 17 2.35 2.18 -19.55
CA ASP C 17 3.43 3.16 -19.46
C ASP C 17 4.79 2.49 -19.47
N LEU C 18 4.93 1.37 -18.74
CA LEU C 18 6.18 0.62 -18.78
C LEU C 18 6.46 0.08 -20.18
N ALA C 19 5.42 -0.39 -20.87
CA ALA C 19 5.62 -0.89 -22.23
C ALA C 19 6.05 0.22 -23.18
N ARG C 20 5.47 1.41 -23.02
CA ARG C 20 5.80 2.51 -23.91
C ARG C 20 7.19 3.08 -23.62
N ASP C 21 7.63 3.03 -22.36
CA ASP C 21 8.94 3.53 -21.97
C ASP C 21 9.61 2.52 -21.05
N PRO C 22 10.18 1.46 -21.63
CA PRO C 22 10.78 0.40 -20.81
C PRO C 22 11.98 0.91 -20.04
N PRO C 23 12.11 0.52 -18.77
CA PRO C 23 13.30 0.92 -18.00
C PRO C 23 14.56 0.28 -18.56
N ALA C 24 15.69 0.89 -18.23
CA ALA C 24 16.97 0.38 -18.71
C ALA C 24 17.34 -0.93 -18.03
N GLN C 25 17.13 -1.03 -16.72
CA GLN C 25 17.65 -2.14 -15.93
C GLN C 25 16.60 -3.14 -15.48
N SER C 26 15.33 -2.99 -15.89
CA SER C 26 14.32 -3.85 -15.28
C SER C 26 13.11 -3.96 -16.20
N ARG C 27 12.31 -4.99 -15.91
CA ARG C 27 11.03 -5.21 -16.58
C ARG C 27 10.04 -5.66 -15.52
N ALA C 28 8.76 -5.36 -15.72
CA ALA C 28 7.72 -5.77 -14.78
C ALA C 28 6.40 -5.93 -15.50
N GLY C 29 5.63 -6.93 -15.09
CA GLY C 29 4.31 -7.15 -15.63
C GLY C 29 3.75 -8.50 -15.23
N PRO C 30 2.47 -8.71 -15.49
CA PRO C 30 1.85 -10.00 -15.15
C PRO C 30 2.28 -11.10 -16.10
N VAL C 31 2.76 -12.20 -15.54
CA VAL C 31 3.07 -13.39 -16.33
C VAL C 31 2.01 -14.47 -16.18
N GLY C 32 1.16 -14.38 -15.16
CA GLY C 32 0.03 -15.27 -15.01
C GLY C 32 -1.23 -14.66 -15.59
N ASP C 33 -2.37 -15.03 -15.02
CA ASP C 33 -3.67 -14.59 -15.51
C ASP C 33 -4.37 -13.63 -14.55
N ASP C 34 -3.64 -13.02 -13.63
CA ASP C 34 -4.20 -12.11 -12.64
C ASP C 34 -3.43 -10.80 -12.68
N MET C 35 -4.13 -9.72 -13.00
CA MET C 35 -3.45 -8.45 -13.20
C MET C 35 -2.98 -7.86 -11.87
N PHE C 36 -3.49 -8.36 -10.74
CA PHE C 36 -3.05 -7.94 -9.42
C PHE C 36 -1.69 -8.52 -9.03
N HIS C 37 -1.20 -9.54 -9.75
CA HIS C 37 0.05 -10.19 -9.42
C HIS C 37 1.01 -10.05 -10.60
N TRP C 38 2.11 -9.32 -10.38
CA TRP C 38 3.14 -9.15 -11.40
C TRP C 38 4.41 -9.87 -11.01
N GLN C 39 5.23 -10.11 -12.03
CA GLN C 39 6.62 -10.50 -11.86
C GLN C 39 7.49 -9.33 -12.29
N ALA C 40 8.67 -9.23 -11.70
CA ALA C 40 9.65 -8.24 -12.11
C ALA C 40 11.02 -8.88 -12.24
N THR C 41 11.84 -8.32 -13.12
CA THR C 41 13.23 -8.75 -13.25
C THR C 41 14.11 -7.52 -13.16
N ILE C 42 15.17 -7.60 -12.36
CA ILE C 42 16.11 -6.51 -12.18
C ILE C 42 17.50 -7.05 -12.44
N MET C 43 18.24 -6.40 -13.35
CA MET C 43 19.66 -6.70 -13.50
C MET C 43 20.46 -6.11 -12.35
N GLY C 44 21.37 -6.91 -11.80
CA GLY C 44 22.27 -6.44 -10.78
C GLY C 44 23.06 -5.24 -11.28
N PRO C 45 23.16 -4.21 -10.46
CA PRO C 45 23.84 -2.98 -10.89
C PRO C 45 25.33 -3.21 -11.17
N ASN C 46 25.83 -2.49 -12.17
CA ASN C 46 27.26 -2.48 -12.45
C ASN C 46 28.01 -1.89 -11.27
N ASP C 47 29.25 -2.36 -11.08
CA ASP C 47 30.13 -1.89 -10.01
C ASP C 47 29.58 -2.18 -8.62
N SER C 48 28.66 -3.13 -8.53
CA SER C 48 28.15 -3.67 -7.29
C SER C 48 28.46 -5.17 -7.25
N PRO C 49 28.45 -5.80 -6.07
CA PRO C 49 28.68 -7.24 -6.01
C PRO C 49 27.59 -8.06 -6.71
N TYR C 50 26.49 -7.45 -7.12
CA TYR C 50 25.42 -8.14 -7.81
C TYR C 50 25.56 -8.04 -9.33
N GLN C 51 26.67 -7.49 -9.81
CA GLN C 51 26.92 -7.31 -11.24
C GLN C 51 26.76 -8.63 -11.98
N GLY C 52 26.07 -8.57 -13.12
CA GLY C 52 25.87 -9.74 -13.95
C GLY C 52 24.73 -10.63 -13.52
N GLY C 53 24.15 -10.42 -12.34
CA GLY C 53 23.06 -11.24 -11.89
C GLY C 53 21.73 -10.77 -12.42
N VAL C 54 20.77 -11.70 -12.42
CA VAL C 54 19.39 -11.43 -12.81
C VAL C 54 18.50 -11.84 -11.66
N PHE C 55 17.75 -10.89 -11.12
CA PHE C 55 16.97 -11.09 -9.90
C PHE C 55 15.49 -10.97 -10.20
N PHE C 56 14.72 -11.98 -9.79
CA PHE C 56 13.29 -12.01 -10.00
C PHE C 56 12.56 -11.61 -8.71
N LEU C 57 11.45 -10.91 -8.89
CA LEU C 57 10.66 -10.40 -7.78
C LEU C 57 9.18 -10.65 -8.08
N THR C 58 8.36 -10.66 -7.04
CA THR C 58 6.92 -10.68 -7.17
C THR C 58 6.35 -9.35 -6.68
N ILE C 59 5.27 -8.93 -7.35
CA ILE C 59 4.57 -7.69 -7.00
C ILE C 59 3.10 -8.03 -6.83
N HIS C 60 2.54 -7.72 -5.67
CA HIS C 60 1.15 -8.02 -5.34
C HIS C 60 0.46 -6.70 -5.00
N PHE C 61 -0.39 -6.23 -5.92
CA PHE C 61 -1.12 -4.97 -5.71
C PHE C 61 -2.34 -5.21 -4.83
N PRO C 62 -2.54 -4.42 -3.79
CA PRO C 62 -3.80 -4.49 -3.04
C PRO C 62 -4.96 -3.93 -3.86
N THR C 63 -6.18 -4.32 -3.46
CA THR C 63 -7.36 -3.89 -4.20
C THR C 63 -7.66 -2.40 -4.02
N ASP C 64 -7.02 -1.73 -3.07
CA ASP C 64 -7.14 -0.28 -2.94
C ASP C 64 -5.85 0.44 -3.33
N TYR C 65 -5.03 -0.20 -4.17
CA TYR C 65 -3.93 0.49 -4.81
C TYR C 65 -4.49 1.67 -5.62
N PRO C 66 -3.78 2.80 -5.68
CA PRO C 66 -2.47 3.16 -5.13
C PRO C 66 -2.51 3.83 -3.75
N PHE C 67 -3.60 3.69 -3.00
CA PHE C 67 -3.65 4.25 -1.65
C PHE C 67 -2.66 3.55 -0.72
N LYS C 68 -2.38 2.28 -0.97
CA LYS C 68 -1.42 1.49 -0.22
C LYS C 68 -0.36 0.96 -1.17
N PRO C 69 0.86 0.75 -0.69
CA PRO C 69 1.93 0.26 -1.58
C PRO C 69 1.69 -1.18 -1.99
N PRO C 70 2.27 -1.62 -3.09
CA PRO C 70 2.24 -3.05 -3.40
C PRO C 70 3.18 -3.81 -2.48
N LYS C 71 2.88 -5.09 -2.29
CA LYS C 71 3.80 -5.99 -1.61
C LYS C 71 4.83 -6.49 -2.62
N VAL C 72 6.11 -6.23 -2.36
CA VAL C 72 7.20 -6.61 -3.26
C VAL C 72 8.16 -7.52 -2.50
N ALA C 73 8.54 -8.63 -3.13
CA ALA C 73 9.48 -9.55 -2.53
C ALA C 73 10.42 -10.09 -3.60
N PHE C 74 11.70 -10.24 -3.25
CA PHE C 74 12.61 -11.00 -4.09
C PHE C 74 12.23 -12.47 -4.04
N THR C 75 12.20 -13.11 -5.21
CA THR C 75 12.16 -14.56 -5.23
C THR C 75 13.56 -15.14 -5.36
N THR C 76 14.44 -14.46 -6.08
CA THR C 76 15.85 -14.85 -6.14
C THR C 76 16.50 -14.62 -4.77
N ARG C 77 17.23 -15.62 -4.29
CA ARG C 77 17.99 -15.49 -3.06
C ARG C 77 19.09 -14.44 -3.26
N ILE C 78 19.27 -13.58 -2.26
CA ILE C 78 20.24 -12.50 -2.38
C ILE C 78 20.82 -12.19 -1.00
N TYR C 79 22.11 -11.86 -0.97
CA TYR C 79 22.83 -11.54 0.25
C TYR C 79 22.87 -10.01 0.37
N HIS C 80 22.05 -9.46 1.27
CA HIS C 80 21.87 -8.02 1.36
C HIS C 80 21.33 -7.66 2.73
N PRO C 81 21.85 -6.61 3.37
CA PRO C 81 21.38 -6.28 4.73
C PRO C 81 19.92 -5.89 4.79
N ASN C 82 19.35 -5.38 3.71
CA ASN C 82 17.97 -4.88 3.70
C ASN C 82 16.98 -5.83 3.07
N ILE C 83 17.38 -7.06 2.77
CA ILE C 83 16.53 -8.07 2.16
C ILE C 83 16.70 -9.36 2.97
N ASN C 84 15.61 -9.87 3.53
CA ASN C 84 15.75 -11.07 4.36
C ASN C 84 15.56 -12.33 3.50
N SER C 85 15.60 -13.48 4.17
CA SER C 85 15.54 -14.77 3.47
C SER C 85 14.18 -15.02 2.83
N ASN C 86 13.13 -14.33 3.27
CA ASN C 86 11.82 -14.39 2.65
C ASN C 86 11.66 -13.42 1.49
N GLY C 87 12.69 -12.64 1.18
CA GLY C 87 12.63 -11.69 0.09
C GLY C 87 12.04 -10.34 0.43
N SER C 88 11.60 -10.12 1.67
CA SER C 88 11.10 -8.80 2.05
C SER C 88 12.20 -7.75 1.93
N ILE C 89 11.80 -6.54 1.58
CA ILE C 89 12.72 -5.45 1.23
C ILE C 89 12.48 -4.29 2.18
N CYS C 90 13.54 -3.88 2.89
CA CYS C 90 13.46 -2.67 3.72
C CYS C 90 13.69 -1.46 2.84
N LEU C 91 12.60 -0.94 2.27
CA LEU C 91 12.63 0.23 1.40
C LEU C 91 11.53 1.17 1.85
N ASP C 92 11.91 2.41 2.21
CA ASP C 92 10.99 3.33 2.85
C ASP C 92 9.70 3.53 2.04
N ILE C 93 9.81 3.64 0.71
CA ILE C 93 8.62 3.92 -0.08
C ILE C 93 7.70 2.71 -0.24
N LEU C 94 8.16 1.50 0.09
CA LEU C 94 7.27 0.35 0.15
C LEU C 94 6.60 0.20 1.51
N ARG C 95 6.75 1.20 2.36
CA ARG C 95 6.51 1.14 3.79
C ARG C 95 5.93 2.50 4.13
N SER C 96 6.20 3.01 5.33
CA SER C 96 5.61 4.27 5.78
C SER C 96 5.66 5.40 4.75
N GLN C 97 6.60 5.38 3.80
CA GLN C 97 6.80 6.52 2.91
C GLN C 97 6.12 6.37 1.56
N TRP C 98 5.23 5.40 1.41
CA TRP C 98 4.49 5.28 0.16
C TRP C 98 3.59 6.49 -0.04
N SER C 99 3.39 6.87 -1.29
CA SER C 99 2.39 7.87 -1.65
C SER C 99 1.76 7.45 -2.98
N PRO C 100 0.50 7.86 -3.21
CA PRO C 100 -0.19 7.39 -4.43
C PRO C 100 0.46 7.81 -5.73
N ALA C 101 1.25 8.90 -5.74
CA ALA C 101 1.92 9.35 -6.95
C ALA C 101 3.08 8.46 -7.36
N LEU C 102 3.55 7.58 -6.49
CA LEU C 102 4.66 6.69 -6.82
C LEU C 102 4.17 5.54 -7.70
N THR C 103 5.11 4.97 -8.46
CA THR C 103 4.83 3.96 -9.46
C THR C 103 5.76 2.77 -9.26
N ILE C 104 5.41 1.67 -9.94
CA ILE C 104 6.30 0.51 -10.00
C ILE C 104 7.64 0.90 -10.60
N SER C 105 7.62 1.80 -11.60
CA SER C 105 8.86 2.29 -12.18
C SER C 105 9.77 2.90 -11.13
N LYS C 106 9.22 3.78 -10.27
CA LYS C 106 10.00 4.37 -9.19
C LYS C 106 10.49 3.30 -8.22
N VAL C 107 9.62 2.33 -7.88
CA VAL C 107 10.01 1.28 -6.95
C VAL C 107 11.19 0.49 -7.50
N LEU C 108 11.13 0.12 -8.78
CA LEU C 108 12.19 -0.67 -9.38
C LEU C 108 13.51 0.10 -9.37
N LEU C 109 13.48 1.38 -9.72
CA LEU C 109 14.69 2.22 -9.65
C LEU C 109 15.21 2.31 -8.23
N SER C 110 14.32 2.46 -7.24
CA SER C 110 14.77 2.55 -5.85
CA SER C 110 14.79 2.56 -5.86
C SER C 110 15.40 1.24 -5.39
N ILE C 111 14.85 0.11 -5.84
CA ILE C 111 15.43 -1.17 -5.46
C ILE C 111 16.84 -1.33 -6.03
N SER C 112 17.04 -0.91 -7.29
CA SER C 112 18.39 -0.95 -7.86
C SER C 112 19.34 -0.05 -7.08
N SER C 113 18.88 1.15 -6.70
CA SER C 113 19.70 2.03 -5.88
C SER C 113 20.08 1.36 -4.56
N LEU C 114 19.13 0.63 -3.96
CA LEU C 114 19.40 -0.06 -2.70
C LEU C 114 20.40 -1.20 -2.86
N LEU C 115 20.37 -1.90 -4.01
CA LEU C 115 21.37 -2.93 -4.27
C LEU C 115 22.76 -2.32 -4.39
N SER C 116 22.85 -1.16 -5.08
CA SER C 116 24.13 -0.47 -5.18
C SER C 116 24.60 0.04 -3.82
N ASP C 117 23.69 0.59 -3.03
CA ASP C 117 24.03 1.25 -1.77
C ASP C 117 23.09 0.78 -0.66
N PRO C 118 23.46 -0.26 0.07
CA PRO C 118 22.62 -0.75 1.17
C PRO C 118 22.51 0.29 2.28
N ASN C 119 21.47 0.14 3.09
CA ASN C 119 21.25 0.95 4.27
C ASN C 119 21.46 0.09 5.52
N PRO C 120 22.71 -0.09 5.96
CA PRO C 120 22.97 -1.05 7.05
C PRO C 120 22.40 -0.63 8.39
N ASP C 121 22.06 0.64 8.57
CA ASP C 121 21.53 1.10 9.85
C ASP C 121 20.05 0.80 10.02
N ASP C 122 19.37 0.33 8.98
CA ASP C 122 17.98 -0.12 9.06
C ASP C 122 17.87 -1.48 8.40
N PRO C 123 18.49 -2.51 9.00
CA PRO C 123 18.56 -3.81 8.34
C PRO C 123 17.38 -4.70 8.64
N LEU C 124 17.14 -5.63 7.71
CA LEU C 124 16.28 -6.78 7.97
C LEU C 124 17.07 -8.01 8.38
N VAL C 125 18.37 -8.03 8.10
CA VAL C 125 19.29 -9.08 8.56
C VAL C 125 20.40 -8.39 9.33
N PRO C 126 20.25 -8.19 10.66
CA PRO C 126 21.12 -7.28 11.42
C PRO C 126 22.57 -7.76 11.48
N GLU C 127 22.77 -8.91 10.86
CA GLU C 127 23.97 -9.73 10.93
C GLU C 127 24.79 -9.59 9.67
N ILE C 128 24.13 -9.51 8.51
CA ILE C 128 24.80 -9.08 7.28
C ILE C 128 25.18 -7.61 7.37
N ALA C 129 24.33 -6.81 8.03
CA ALA C 129 24.62 -5.40 8.22
C ALA C 129 25.92 -5.21 9.02
N ARG C 130 26.12 -6.04 10.05
CA ARG C 130 27.34 -5.94 10.83
C ARG C 130 28.56 -6.24 9.96
N ILE C 131 28.49 -7.28 9.12
CA ILE C 131 29.59 -7.58 8.23
C ILE C 131 29.80 -6.44 7.24
N TYR C 132 28.70 -5.88 6.72
CA TYR C 132 28.80 -4.74 5.80
C TYR C 132 29.54 -3.57 6.44
N LYS C 133 29.21 -3.26 7.70
CA LYS C 133 29.78 -2.08 8.35
C LYS C 133 31.24 -2.29 8.74
N THR C 134 31.60 -3.52 9.13
CA THR C 134 32.93 -3.79 9.70
C THR C 134 33.87 -4.49 8.74
N ASP C 135 33.38 -5.41 7.90
CA ASP C 135 34.24 -6.15 6.97
C ASP C 135 33.59 -6.08 5.59
N ARG C 136 33.84 -4.97 4.89
CA ARG C 136 33.17 -4.74 3.61
C ARG C 136 33.57 -5.79 2.58
N GLU C 137 34.84 -6.20 2.58
CA GLU C 137 35.31 -7.17 1.60
C GLU C 137 34.66 -8.53 1.80
N LYS C 138 34.42 -8.93 3.05
CA LYS C 138 33.73 -10.19 3.29
C LYS C 138 32.30 -10.13 2.77
N TYR C 139 31.62 -9.00 2.98
CA TYR C 139 30.28 -8.83 2.42
C TYR C 139 30.31 -8.88 0.89
N ASN C 140 31.27 -8.17 0.29
CA ASN C 140 31.39 -8.18 -1.18
C ASN C 140 31.65 -9.59 -1.69
N ARG C 141 32.54 -10.33 -1.05
CA ARG C 141 32.84 -11.69 -1.48
C ARG C 141 31.59 -12.56 -1.46
N ILE C 142 30.86 -12.56 -0.34
CA ILE C 142 29.70 -13.44 -0.20
C ILE C 142 28.60 -13.01 -1.16
N ALA C 143 28.36 -11.70 -1.30
CA ALA C 143 27.33 -11.23 -2.21
C ALA C 143 27.64 -11.63 -3.65
N ARG C 144 28.91 -11.55 -4.04
CA ARG C 144 29.32 -12.04 -5.37
C ARG C 144 29.07 -13.53 -5.48
N GLU C 145 29.42 -14.30 -4.45
CA GLU C 145 29.24 -15.74 -4.47
C GLU C 145 27.77 -16.10 -4.66
N TRP C 146 26.87 -15.43 -3.93
CA TRP C 146 25.45 -15.74 -4.04
C TRP C 146 24.87 -15.28 -5.36
N THR C 147 25.37 -14.17 -5.92
CA THR C 147 24.96 -13.77 -7.26
C THR C 147 25.32 -14.85 -8.28
N GLN C 148 26.54 -15.38 -8.18
CA GLN C 148 26.96 -16.52 -9.01
C GLN C 148 26.08 -17.73 -8.78
N LYS C 149 25.79 -18.05 -7.51
CA LYS C 149 25.10 -19.29 -7.19
C LYS C 149 23.62 -19.22 -7.57
N TYR C 150 22.95 -18.09 -7.32
CA TYR C 150 21.50 -18.01 -7.39
C TYR C 150 20.95 -17.10 -8.48
N ALA C 151 21.75 -16.18 -9.01
CA ALA C 151 21.22 -15.15 -9.90
C ALA C 151 21.76 -15.25 -11.33
N MET C 152 22.31 -16.39 -11.71
CA MET C 152 22.95 -16.52 -13.02
C MET C 152 22.56 -17.81 -13.72
N ASP D 8 -17.31 6.76 -10.03
CA ASP D 8 -16.42 5.67 -9.64
C ASP D 8 -17.16 4.60 -8.84
N ASP D 9 -18.19 4.02 -9.45
CA ASP D 9 -18.86 2.90 -8.83
C ASP D 9 -17.96 1.67 -8.84
N ASP D 10 -18.37 0.64 -8.10
CA ASP D 10 -17.57 -0.59 -8.00
C ASP D 10 -17.77 -1.38 -9.28
N LYS D 11 -16.79 -1.24 -10.19
CA LYS D 11 -16.87 -1.74 -11.55
C LYS D 11 -15.92 -2.93 -11.72
N MET D 12 -16.31 -3.89 -12.55
CA MET D 12 -15.51 -5.08 -12.80
C MET D 12 -14.74 -4.93 -14.10
N HIS D 13 -13.47 -5.28 -14.08
CA HIS D 13 -12.59 -5.12 -15.23
C HIS D 13 -11.88 -6.44 -15.52
N ILE D 14 -11.78 -6.77 -16.81
CA ILE D 14 -10.97 -7.89 -17.28
C ILE D 14 -10.02 -7.38 -18.35
N PHE D 15 -9.02 -8.20 -18.66
CA PHE D 15 -7.92 -7.81 -19.53
C PHE D 15 -7.71 -8.84 -20.63
N VAL D 16 -7.23 -8.38 -21.77
CA VAL D 16 -7.05 -9.21 -22.95
C VAL D 16 -5.62 -9.05 -23.46
N ARG D 17 -4.87 -10.15 -23.47
CA ARG D 17 -3.46 -10.16 -23.83
C ARG D 17 -3.28 -10.76 -25.23
N THR D 18 -2.57 -10.03 -26.09
CA THR D 18 -2.28 -10.47 -27.44
C THR D 18 -0.78 -10.43 -27.69
N ALA D 19 -0.35 -11.07 -28.77
CA ALA D 19 1.06 -11.03 -29.14
C ALA D 19 1.48 -9.68 -29.67
N THR D 20 0.54 -8.88 -30.19
CA THR D 20 0.87 -7.72 -30.98
C THR D 20 0.49 -6.39 -30.34
N LEU D 21 -0.48 -6.38 -29.43
CA LEU D 21 -1.06 -5.13 -28.96
C LEU D 21 -0.78 -4.94 -27.48
N LEU D 22 -0.88 -3.68 -27.04
CA LEU D 22 -0.87 -3.38 -25.62
C LEU D 22 -2.01 -4.12 -24.95
N MET D 23 -1.84 -4.40 -23.66
CA MET D 23 -2.89 -5.05 -22.91
C MET D 23 -4.20 -4.26 -23.02
N ILE D 24 -5.27 -4.98 -23.34
CA ILE D 24 -6.57 -4.37 -23.50
C ILE D 24 -7.30 -4.43 -22.17
N ILE D 25 -7.92 -3.33 -21.76
CA ILE D 25 -8.79 -3.28 -20.59
C ILE D 25 -10.24 -3.21 -21.06
N LEU D 26 -11.09 -3.98 -20.39
CA LEU D 26 -12.52 -4.01 -20.70
C LEU D 26 -13.31 -3.82 -19.41
N GLU D 27 -14.38 -3.02 -19.49
CA GLU D 27 -15.38 -2.95 -18.45
C GLU D 27 -16.50 -3.94 -18.75
N VAL D 28 -16.71 -4.89 -17.85
CA VAL D 28 -17.66 -5.98 -18.05
C VAL D 28 -18.47 -6.19 -16.77
N GLU D 29 -19.35 -7.19 -16.82
CA GLU D 29 -20.13 -7.69 -15.71
C GLU D 29 -20.01 -9.21 -15.66
N PRO D 30 -20.18 -9.82 -14.48
CA PRO D 30 -20.11 -11.29 -14.43
C PRO D 30 -21.15 -11.97 -15.29
N SER D 31 -22.27 -11.32 -15.55
CA SER D 31 -23.32 -11.84 -16.43
C SER D 31 -23.12 -11.41 -17.87
N ASP D 32 -21.94 -10.89 -18.23
CA ASP D 32 -21.64 -10.51 -19.60
C ASP D 32 -21.29 -11.74 -20.42
N THR D 33 -21.86 -11.82 -21.62
CA THR D 33 -21.54 -12.95 -22.49
C THR D 33 -20.23 -12.70 -23.24
N ILE D 34 -19.65 -13.80 -23.73
CA ILE D 34 -18.38 -13.70 -24.43
C ILE D 34 -18.54 -12.96 -25.76
N GLU D 35 -19.65 -13.19 -26.47
CA GLU D 35 -19.88 -12.43 -27.69
C GLU D 35 -19.98 -10.94 -27.42
N ASN D 36 -20.45 -10.56 -26.22
CA ASN D 36 -20.33 -9.17 -25.79
C ASN D 36 -18.87 -8.78 -25.62
N VAL D 37 -18.07 -9.68 -25.02
CA VAL D 37 -16.65 -9.38 -24.78
C VAL D 37 -15.92 -9.17 -26.10
N LYS D 38 -16.13 -10.06 -27.07
CA LYS D 38 -15.57 -9.83 -28.40
C LYS D 38 -16.12 -8.56 -29.03
N ALA D 39 -17.37 -8.21 -28.72
CA ALA D 39 -17.92 -6.95 -29.22
C ALA D 39 -17.22 -5.75 -28.61
N LYS D 40 -16.92 -5.80 -27.30
CA LYS D 40 -16.16 -4.72 -26.69
C LYS D 40 -14.75 -4.64 -27.26
N ILE D 41 -14.13 -5.80 -27.51
CA ILE D 41 -12.83 -5.82 -28.17
C ILE D 41 -12.92 -5.18 -29.55
N GLN D 42 -14.02 -5.45 -30.27
CA GLN D 42 -14.19 -4.88 -31.60
C GLN D 42 -14.27 -3.36 -31.54
N ASP D 43 -14.95 -2.82 -30.53
CA ASP D 43 -14.98 -1.37 -30.34
C ASP D 43 -13.58 -0.81 -30.10
N LYS D 44 -12.80 -1.48 -29.24
CA LYS D 44 -11.53 -0.93 -28.81
C LYS D 44 -10.42 -1.12 -29.85
N GLU D 45 -10.44 -2.24 -30.57
CA GLU D 45 -9.35 -2.59 -31.48
C GLU D 45 -9.78 -2.80 -32.93
N GLY D 46 -11.09 -2.83 -33.22
CA GLY D 46 -11.54 -3.00 -34.57
C GLY D 46 -11.50 -4.41 -35.12
N ILE D 47 -11.09 -5.38 -34.30
CA ILE D 47 -11.00 -6.78 -34.72
C ILE D 47 -12.40 -7.38 -34.79
N PRO D 48 -12.81 -7.93 -35.93
CA PRO D 48 -14.13 -8.57 -36.02
C PRO D 48 -14.21 -9.77 -35.10
N PRO D 49 -15.36 -10.00 -34.48
CA PRO D 49 -15.47 -11.12 -33.53
C PRO D 49 -15.18 -12.49 -34.14
N ASP D 50 -15.48 -12.69 -35.42
CA ASP D 50 -15.25 -13.99 -36.05
C ASP D 50 -13.76 -14.31 -36.17
N GLN D 51 -12.89 -13.33 -36.04
CA GLN D 51 -11.45 -13.53 -36.07
C GLN D 51 -10.84 -13.67 -34.69
N GLN D 52 -11.66 -13.65 -33.64
CA GLN D 52 -11.18 -13.63 -32.26
C GLN D 52 -11.35 -15.01 -31.63
N SER D 53 -10.28 -15.53 -31.06
CA SER D 53 -10.34 -16.73 -30.23
C SER D 53 -9.87 -16.36 -28.82
N LEU D 54 -10.76 -16.55 -27.84
CA LEU D 54 -10.51 -16.18 -26.46
C LEU D 54 -10.15 -17.43 -25.66
N VAL D 55 -9.10 -17.33 -24.85
CA VAL D 55 -8.61 -18.45 -24.03
C VAL D 55 -8.42 -17.97 -22.61
N PHE D 56 -9.00 -18.70 -21.65
CA PHE D 56 -8.75 -18.48 -20.23
C PHE D 56 -8.41 -19.82 -19.60
N ARG D 57 -7.27 -19.86 -18.90
CA ARG D 57 -6.80 -21.08 -18.22
C ARG D 57 -6.83 -22.29 -19.15
N ARG D 58 -6.26 -22.11 -20.34
CA ARG D 58 -6.13 -23.17 -21.34
C ARG D 58 -7.49 -23.72 -21.77
N LYS D 59 -8.51 -22.88 -21.82
CA LYS D 59 -9.86 -23.30 -22.21
C LYS D 59 -10.40 -22.34 -23.26
N GLN D 60 -10.92 -22.90 -24.35
CA GLN D 60 -11.63 -22.10 -25.33
C GLN D 60 -12.92 -21.55 -24.72
N LEU D 61 -13.22 -20.29 -25.03
CA LEU D 61 -14.36 -19.60 -24.45
C LEU D 61 -15.48 -19.52 -25.49
N GLU D 62 -16.64 -20.10 -25.17
CA GLU D 62 -17.72 -20.28 -26.14
C GLU D 62 -18.71 -19.12 -26.10
N ASP D 63 -19.10 -18.66 -27.30
CA ASP D 63 -19.79 -17.38 -27.45
C ASP D 63 -21.05 -17.27 -26.62
N GLY D 64 -21.75 -18.38 -26.38
CA GLY D 64 -23.03 -18.31 -25.71
C GLY D 64 -22.99 -18.20 -24.19
N ARG D 65 -21.82 -18.35 -23.58
CA ARG D 65 -21.69 -18.40 -22.14
C ARG D 65 -21.28 -17.04 -21.57
N THR D 66 -21.36 -16.95 -20.25
CA THR D 66 -21.00 -15.73 -19.54
C THR D 66 -19.62 -15.88 -18.89
N LEU D 67 -19.13 -14.77 -18.34
CA LEU D 67 -17.86 -14.80 -17.63
C LEU D 67 -17.96 -15.61 -16.34
N SER D 68 -19.12 -15.61 -15.69
CA SER D 68 -19.30 -16.34 -14.44
C SER D 68 -19.12 -17.84 -14.65
N ASP D 69 -19.59 -18.36 -15.79
CA ASP D 69 -19.47 -19.79 -16.06
C ASP D 69 -18.02 -20.26 -16.11
N TYR D 70 -17.07 -19.36 -16.35
CA TYR D 70 -15.66 -19.71 -16.45
C TYR D 70 -14.85 -19.22 -15.25
N ASN D 71 -15.51 -18.80 -14.17
CA ASN D 71 -14.83 -18.33 -12.95
C ASN D 71 -13.90 -17.16 -13.26
N ILE D 72 -14.34 -16.26 -14.14
CA ILE D 72 -13.54 -15.11 -14.55
C ILE D 72 -13.92 -13.95 -13.64
N ARG D 73 -13.02 -13.58 -12.74
CA ARG D 73 -13.27 -12.52 -11.79
C ARG D 73 -12.57 -11.24 -12.24
N THR D 74 -12.79 -10.16 -11.49
CA THR D 74 -12.15 -8.90 -11.82
C THR D 74 -10.63 -9.05 -11.77
N GLY D 75 -9.95 -8.40 -12.70
CA GLY D 75 -8.51 -8.53 -12.83
C GLY D 75 -8.03 -9.72 -13.65
N SER D 76 -8.95 -10.56 -14.13
CA SER D 76 -8.56 -11.72 -14.92
C SER D 76 -7.99 -11.30 -16.27
N ILE D 77 -6.98 -12.03 -16.73
CA ILE D 77 -6.33 -11.77 -18.01
C ILE D 77 -6.67 -12.91 -18.96
N LEU D 78 -7.29 -12.57 -20.08
CA LEU D 78 -7.63 -13.55 -21.10
C LEU D 78 -6.60 -13.50 -22.22
N GLU D 79 -6.46 -14.60 -22.94
CA GLU D 79 -5.58 -14.68 -24.10
C GLU D 79 -6.42 -14.56 -25.36
N LEU D 80 -5.96 -13.73 -26.31
CA LEU D 80 -6.61 -13.58 -27.60
C LEU D 80 -5.63 -13.92 -28.71
N VAL D 81 -6.05 -14.79 -29.62
CA VAL D 81 -5.27 -15.15 -30.80
C VAL D 81 -6.12 -14.92 -32.04
N LEU D 82 -5.49 -14.41 -33.09
CA LEU D 82 -6.19 -14.12 -34.33
C LEU D 82 -6.37 -15.38 -35.14
N ARG D 83 -7.55 -15.54 -35.73
CA ARG D 83 -7.89 -16.77 -36.45
C ARG D 83 -8.61 -16.47 -37.75
N LEU E 3 -23.82 18.83 12.75
CA LEU E 3 -23.32 18.89 11.38
C LEU E 3 -21.83 18.59 11.32
N GLY E 4 -21.14 18.78 12.44
CA GLY E 4 -19.74 18.41 12.54
C GLY E 4 -18.72 19.48 12.20
N SER E 5 -19.08 20.76 12.34
CA SER E 5 -18.14 21.83 12.02
C SER E 5 -16.95 21.83 12.98
N MET E 6 -17.23 21.73 14.29
CA MET E 6 -16.15 21.65 15.27
C MET E 6 -15.24 20.47 15.01
N ALA E 7 -15.81 19.31 14.69
CA ALA E 7 -14.99 18.11 14.44
C ALA E 7 -14.03 18.35 13.29
N LEU E 8 -14.53 18.89 12.17
CA LEU E 8 -13.73 19.01 10.97
C LEU E 8 -12.60 20.01 11.13
N LYS E 9 -12.85 21.11 11.86
CA LYS E 9 -11.79 22.06 12.15
C LYS E 9 -10.69 21.40 12.97
N ARG E 10 -11.07 20.59 13.96
CA ARG E 10 -10.11 19.88 14.81
C ARG E 10 -9.36 18.80 14.02
N ILE E 11 -10.08 18.02 13.21
CA ILE E 11 -9.44 16.97 12.42
C ILE E 11 -8.43 17.58 11.45
N HIS E 12 -8.83 18.64 10.75
CA HIS E 12 -7.93 19.32 9.83
C HIS E 12 -6.73 19.92 10.55
N LYS E 13 -6.95 20.48 11.74
CA LYS E 13 -5.84 21.01 12.51
C LYS E 13 -4.83 19.91 12.85
N GLU E 14 -5.32 18.74 13.26
CA GLU E 14 -4.44 17.62 13.56
C GLU E 14 -3.71 17.14 12.31
N LEU E 15 -4.40 17.10 11.18
CA LEU E 15 -3.76 16.69 9.93
C LEU E 15 -2.56 17.57 9.61
N ASN E 16 -2.74 18.89 9.63
CA ASN E 16 -1.64 19.79 9.31
C ASN E 16 -0.59 19.79 10.41
N ASP E 17 -0.98 19.58 11.67
CA ASP E 17 0.01 19.44 12.73
C ASP E 17 0.89 18.23 12.49
N LEU E 18 0.30 17.12 12.05
CA LEU E 18 1.07 15.92 11.75
C LEU E 18 2.03 16.15 10.59
N ALA E 19 1.63 16.96 9.61
CA ALA E 19 2.50 17.23 8.47
C ALA E 19 3.69 18.10 8.84
N ARG E 20 3.52 19.02 9.81
CA ARG E 20 4.59 19.94 10.13
C ARG E 20 5.59 19.36 11.14
N ASP E 21 5.13 18.53 12.07
CA ASP E 21 6.00 17.84 13.03
C ASP E 21 5.66 16.35 12.99
N PRO E 22 6.15 15.63 11.98
CA PRO E 22 5.71 14.25 11.79
C PRO E 22 6.15 13.38 12.97
N PRO E 23 5.41 12.32 13.26
CA PRO E 23 5.88 11.34 14.26
C PRO E 23 7.16 10.69 13.79
N ALA E 24 7.82 9.97 14.71
CA ALA E 24 9.08 9.33 14.38
C ALA E 24 8.90 8.34 13.23
N GLN E 25 7.87 7.52 13.30
CA GLN E 25 7.62 6.53 12.24
C GLN E 25 6.19 6.54 11.72
N SER E 26 5.19 6.73 12.59
CA SER E 26 3.80 6.57 12.19
C SER E 26 3.36 7.71 11.26
N ARG E 27 2.40 7.39 10.39
CA ARG E 27 1.81 8.35 9.47
C ARG E 27 0.30 8.15 9.43
N ALA E 28 -0.43 9.22 9.15
CA ALA E 28 -1.88 9.13 9.17
C ALA E 28 -2.46 10.29 8.38
N GLY E 29 -3.59 10.04 7.72
CA GLY E 29 -4.27 11.05 6.95
C GLY E 29 -5.29 10.44 6.01
N PRO E 30 -6.16 11.29 5.44
CA PRO E 30 -7.19 10.79 4.53
C PRO E 30 -6.62 10.52 3.15
N VAL E 31 -6.93 9.34 2.60
CA VAL E 31 -6.55 9.01 1.24
C VAL E 31 -7.74 8.99 0.30
N GLY E 32 -8.97 8.95 0.81
CA GLY E 32 -10.17 8.97 0.01
C GLY E 32 -10.78 10.35 -0.10
N ASP E 33 -12.12 10.39 -0.21
CA ASP E 33 -12.86 11.61 -0.45
C ASP E 33 -13.54 12.17 0.80
N ASP E 34 -13.14 11.70 1.99
CA ASP E 34 -13.84 12.03 3.23
C ASP E 34 -12.84 12.37 4.33
N MET E 35 -12.89 13.62 4.82
CA MET E 35 -12.05 14.03 5.95
C MET E 35 -12.29 13.16 7.19
N PHE E 36 -13.51 12.63 7.34
CA PHE E 36 -13.84 11.82 8.52
C PHE E 36 -13.17 10.46 8.53
N HIS E 37 -12.58 10.03 7.41
CA HIS E 37 -12.00 8.69 7.30
C HIS E 37 -10.53 8.82 6.93
N TRP E 38 -9.66 8.28 7.78
CA TRP E 38 -8.22 8.34 7.58
C TRP E 38 -7.66 6.93 7.47
N GLN E 39 -6.52 6.83 6.79
CA GLN E 39 -5.68 5.65 6.82
C GLN E 39 -4.44 5.98 7.64
N ALA E 40 -3.87 4.97 8.27
CA ALA E 40 -2.69 5.21 9.11
C ALA E 40 -1.77 4.00 9.06
N THR E 41 -0.48 4.25 9.28
CA THR E 41 0.52 3.20 9.40
C THR E 41 1.25 3.31 10.73
N ILE E 42 1.56 2.17 11.32
CA ILE E 42 2.43 2.09 12.49
C ILE E 42 3.48 1.03 12.21
N MET E 43 4.74 1.37 12.47
CA MET E 43 5.82 0.40 12.42
C MET E 43 5.72 -0.56 13.60
N GLY E 44 5.97 -1.83 13.34
CA GLY E 44 6.19 -2.76 14.43
C GLY E 44 7.38 -2.29 15.24
N PRO E 45 7.18 -2.10 16.55
CA PRO E 45 8.25 -1.53 17.37
C PRO E 45 9.46 -2.46 17.46
N ASN E 46 10.62 -1.85 17.64
CA ASN E 46 11.85 -2.61 17.85
C ASN E 46 11.80 -3.31 19.21
N ASP E 47 12.53 -4.42 19.30
CA ASP E 47 12.57 -5.26 20.49
C ASP E 47 11.20 -5.83 20.84
N SER E 48 10.34 -5.95 19.84
CA SER E 48 9.03 -6.59 19.94
C SER E 48 8.93 -7.60 18.82
N PRO E 49 8.06 -8.61 18.95
CA PRO E 49 7.91 -9.61 17.88
C PRO E 49 7.36 -9.04 16.58
N TYR E 50 6.88 -7.80 16.58
CA TYR E 50 6.35 -7.17 15.38
C TYR E 50 7.40 -6.37 14.63
N GLN E 51 8.65 -6.39 15.08
CA GLN E 51 9.70 -5.56 14.49
C GLN E 51 9.92 -5.95 13.04
N GLY E 52 10.00 -4.93 12.17
CA GLY E 52 10.14 -5.11 10.75
C GLY E 52 8.82 -5.01 9.99
N GLY E 53 7.69 -5.18 10.67
CA GLY E 53 6.40 -5.12 10.01
C GLY E 53 5.87 -3.70 9.88
N VAL E 54 5.00 -3.53 8.89
CA VAL E 54 4.27 -2.29 8.67
C VAL E 54 2.79 -2.62 8.79
N PHE E 55 2.10 -1.94 9.70
CA PHE E 55 0.71 -2.25 10.00
C PHE E 55 -0.17 -1.08 9.60
N PHE E 56 -1.20 -1.36 8.81
CA PHE E 56 -2.13 -0.35 8.34
C PHE E 56 -3.37 -0.33 9.22
N LEU E 57 -3.91 0.86 9.43
CA LEU E 57 -5.07 1.05 10.29
C LEU E 57 -6.05 1.99 9.59
N THR E 58 -7.31 1.95 10.02
CA THR E 58 -8.30 2.93 9.63
C THR E 58 -8.67 3.78 10.84
N ILE E 59 -8.97 5.05 10.58
CA ILE E 59 -9.45 5.97 11.62
C ILE E 59 -10.75 6.59 11.13
N HIS E 60 -11.81 6.43 11.91
CA HIS E 60 -13.12 6.98 11.58
C HIS E 60 -13.50 7.95 12.69
N PHE E 61 -13.46 9.24 12.38
CA PHE E 61 -13.79 10.29 13.35
C PHE E 61 -15.30 10.46 13.46
N PRO E 62 -15.86 10.44 14.67
CA PRO E 62 -17.29 10.75 14.81
C PRO E 62 -17.54 12.23 14.55
N THR E 63 -18.81 12.55 14.26
CA THR E 63 -19.16 13.93 13.97
C THR E 63 -19.10 14.83 15.20
N ASP E 64 -19.06 14.25 16.40
CA ASP E 64 -18.87 15.04 17.62
C ASP E 64 -17.45 14.88 18.18
N TYR E 65 -16.48 14.53 17.34
CA TYR E 65 -15.09 14.63 17.72
C TYR E 65 -14.75 16.09 18.04
N PRO E 66 -13.90 16.35 19.04
CA PRO E 66 -13.12 15.45 19.89
C PRO E 66 -13.80 15.00 21.19
N PHE E 67 -15.11 15.25 21.32
CA PHE E 67 -15.82 14.82 22.53
C PHE E 67 -15.92 13.31 22.62
N LYS E 68 -16.06 12.62 21.48
CA LYS E 68 -16.05 11.17 21.35
C LYS E 68 -14.78 10.70 20.67
N PRO E 69 -14.24 9.54 21.04
CA PRO E 69 -12.97 9.08 20.47
C PRO E 69 -13.15 8.65 19.02
N PRO E 70 -12.08 8.65 18.24
CA PRO E 70 -12.16 8.07 16.90
C PRO E 70 -12.23 6.56 16.96
N LYS E 71 -12.87 5.97 15.96
CA LYS E 71 -12.90 4.53 15.79
C LYS E 71 -11.65 4.11 15.04
N VAL E 72 -10.80 3.29 15.67
CA VAL E 72 -9.51 2.92 15.13
C VAL E 72 -9.44 1.39 15.05
N ALA E 73 -9.03 0.88 13.89
CA ALA E 73 -8.96 -0.57 13.71
C ALA E 73 -7.80 -0.91 12.78
N PHE E 74 -7.18 -2.06 13.04
CA PHE E 74 -6.17 -2.60 12.14
C PHE E 74 -6.83 -3.19 10.90
N THR E 75 -6.22 -2.95 9.74
CA THR E 75 -6.56 -3.71 8.55
C THR E 75 -5.51 -4.77 8.22
N THR E 76 -4.29 -4.63 8.74
CA THR E 76 -3.29 -5.68 8.64
C THR E 76 -3.54 -6.72 9.74
N ARG E 77 -3.56 -8.00 9.35
CA ARG E 77 -3.69 -9.08 10.32
C ARG E 77 -2.52 -9.06 11.29
N ILE E 78 -2.81 -9.32 12.56
CA ILE E 78 -1.81 -9.25 13.62
C ILE E 78 -2.20 -10.21 14.74
N TYR E 79 -1.20 -10.85 15.34
CA TYR E 79 -1.39 -11.79 16.45
C TYR E 79 -1.13 -11.04 17.74
N HIS E 80 -2.19 -10.78 18.51
CA HIS E 80 -2.07 -9.88 19.65
C HIS E 80 -3.21 -10.13 20.62
N PRO E 81 -2.96 -10.14 21.94
CA PRO E 81 -4.06 -10.37 22.89
C PRO E 81 -5.16 -9.32 22.84
N ASN E 82 -4.84 -8.09 22.42
CA ASN E 82 -5.77 -6.97 22.51
C ASN E 82 -6.32 -6.55 21.16
N ILE E 83 -6.06 -7.32 20.10
CA ILE E 83 -6.54 -7.02 18.76
C ILE E 83 -7.12 -8.31 18.19
N ASN E 84 -8.36 -8.26 17.72
CA ASN E 84 -9.02 -9.48 17.27
C ASN E 84 -8.87 -9.63 15.75
N SER E 85 -9.46 -10.71 15.23
CA SER E 85 -9.33 -11.02 13.81
C SER E 85 -9.98 -9.98 12.93
N ASN E 86 -10.90 -9.16 13.47
CA ASN E 86 -11.51 -8.09 12.72
C ASN E 86 -10.68 -6.82 12.73
N GLY E 87 -9.60 -6.77 13.51
CA GLY E 87 -8.82 -5.57 13.67
C GLY E 87 -9.27 -4.64 14.77
N SER E 88 -10.33 -4.98 15.50
CA SER E 88 -10.74 -4.14 16.63
C SER E 88 -9.65 -4.11 17.69
N ILE E 89 -9.51 -2.96 18.34
CA ILE E 89 -8.45 -2.73 19.33
C ILE E 89 -9.10 -2.48 20.68
N CYS E 90 -8.67 -3.22 21.69
CA CYS E 90 -9.08 -2.96 23.07
C CYS E 90 -8.01 -2.06 23.69
N LEU E 91 -8.33 -0.77 23.83
CA LEU E 91 -7.37 0.21 24.33
C LEU E 91 -8.12 1.26 25.14
N ASP E 92 -7.57 1.58 26.33
CA ASP E 92 -8.29 2.41 27.28
C ASP E 92 -8.66 3.77 26.70
N ILE E 93 -7.69 4.46 26.09
CA ILE E 93 -7.97 5.80 25.59
C ILE E 93 -8.90 5.81 24.39
N LEU E 94 -9.22 4.64 23.83
CA LEU E 94 -10.23 4.55 22.79
C LEU E 94 -11.63 4.30 23.34
N ARG E 95 -11.76 3.85 24.59
CA ARG E 95 -13.07 3.46 25.11
C ARG E 95 -13.54 4.35 26.25
N SER E 96 -12.79 4.42 27.35
CA SER E 96 -13.24 5.16 28.53
C SER E 96 -12.26 6.21 29.03
N GLN E 97 -10.97 6.08 28.75
CA GLN E 97 -9.98 7.09 29.12
C GLN E 97 -9.79 8.14 28.02
N TRP E 98 -10.67 8.19 27.04
CA TRP E 98 -10.57 9.23 26.02
C TRP E 98 -10.79 10.60 26.65
N SER E 99 -10.05 11.59 26.17
CA SER E 99 -10.25 12.97 26.53
C SER E 99 -10.14 13.83 25.28
N PRO E 100 -10.88 14.93 25.22
CA PRO E 100 -10.75 15.83 24.06
C PRO E 100 -9.35 16.40 23.91
N ALA E 101 -8.55 16.40 24.97
CA ALA E 101 -7.17 16.85 24.88
C ALA E 101 -6.30 15.89 24.08
N LEU E 102 -6.73 14.64 23.92
CA LEU E 102 -5.92 13.67 23.19
C LEU E 102 -6.03 13.88 21.69
N THR E 103 -5.07 13.31 20.97
CA THR E 103 -4.91 13.54 19.54
C THR E 103 -4.62 12.22 18.85
N ILE E 104 -4.76 12.22 17.53
CA ILE E 104 -4.40 11.02 16.75
C ILE E 104 -2.94 10.66 16.99
N SER E 105 -2.08 11.67 17.08
CA SER E 105 -0.66 11.44 17.35
C SER E 105 -0.47 10.65 18.65
N LYS E 106 -1.13 11.07 19.73
CA LYS E 106 -1.04 10.31 20.98
C LYS E 106 -1.72 8.95 20.87
N VAL E 107 -2.77 8.84 20.06
CA VAL E 107 -3.41 7.54 19.87
C VAL E 107 -2.45 6.57 19.20
N LEU E 108 -1.73 7.03 18.16
CA LEU E 108 -0.77 6.15 17.48
C LEU E 108 0.37 5.73 18.39
N LEU E 109 0.89 6.66 19.21
CA LEU E 109 1.92 6.31 20.18
C LEU E 109 1.40 5.27 21.18
N SER E 110 0.16 5.42 21.61
CA SER E 110 -0.41 4.46 22.56
C SER E 110 -0.61 3.09 21.92
N ILE E 111 -1.08 3.06 20.67
CA ILE E 111 -1.20 1.78 19.98
C ILE E 111 0.18 1.13 19.83
N SER E 112 1.18 1.95 19.50
CA SER E 112 2.55 1.44 19.41
C SER E 112 3.02 0.87 20.75
N SER E 113 2.69 1.57 21.86
CA SER E 113 3.03 1.03 23.18
C SER E 113 2.31 -0.29 23.44
N LEU E 114 1.07 -0.41 22.98
CA LEU E 114 0.32 -1.65 23.16
C LEU E 114 1.00 -2.81 22.42
N LEU E 115 1.53 -2.55 21.22
CA LEU E 115 2.26 -3.59 20.49
C LEU E 115 3.50 -4.04 21.25
N SER E 116 4.23 -3.09 21.84
CA SER E 116 5.42 -3.43 22.62
C SER E 116 5.04 -4.20 23.88
N ASP E 117 3.93 -3.83 24.52
CA ASP E 117 3.56 -4.36 25.83
C ASP E 117 2.06 -4.60 25.86
N PRO E 118 1.61 -5.80 25.50
CA PRO E 118 0.18 -6.09 25.53
C PRO E 118 -0.37 -6.07 26.95
N ASN E 119 -1.70 -5.95 27.04
CA ASN E 119 -2.44 -6.00 28.29
C ASN E 119 -3.24 -7.30 28.36
N PRO E 120 -2.61 -8.42 28.76
CA PRO E 120 -3.32 -9.71 28.72
C PRO E 120 -4.46 -9.82 29.72
N ASP E 121 -4.52 -8.93 30.72
CA ASP E 121 -5.60 -9.00 31.71
C ASP E 121 -6.88 -8.35 31.23
N ASP E 122 -6.86 -7.65 30.10
CA ASP E 122 -8.06 -7.07 29.48
C ASP E 122 -8.06 -7.46 28.00
N PRO E 123 -8.29 -8.74 27.70
CA PRO E 123 -8.03 -9.23 26.34
C PRO E 123 -9.24 -9.21 25.43
N LEU E 124 -9.00 -8.88 24.15
CA LEU E 124 -9.98 -9.13 23.11
C LEU E 124 -9.99 -10.59 22.66
N VAL E 125 -8.84 -11.24 22.68
CA VAL E 125 -8.74 -12.65 22.29
C VAL E 125 -8.20 -13.43 23.47
N PRO E 126 -9.07 -13.99 24.33
CA PRO E 126 -8.60 -14.62 25.58
C PRO E 126 -7.58 -15.73 25.35
N GLU E 127 -7.72 -16.49 24.27
CA GLU E 127 -6.80 -17.61 24.04
C GLU E 127 -5.39 -17.12 23.76
N ILE E 128 -5.24 -16.01 23.03
CA ILE E 128 -3.92 -15.44 22.81
C ILE E 128 -3.36 -14.86 24.11
N ALA E 129 -4.23 -14.26 24.92
CA ALA E 129 -3.78 -13.76 26.22
C ALA E 129 -3.24 -14.90 27.08
N ARG E 130 -3.90 -16.07 27.04
CA ARG E 130 -3.43 -17.22 27.81
C ARG E 130 -2.04 -17.65 27.38
N ILE E 131 -1.78 -17.69 26.06
CA ILE E 131 -0.47 -18.03 25.57
C ILE E 131 0.55 -16.98 25.97
N TYR E 132 0.19 -15.70 25.86
CA TYR E 132 1.09 -14.62 26.24
C TYR E 132 1.56 -14.78 27.69
N LYS E 133 0.64 -15.12 28.58
CA LYS E 133 0.95 -15.17 30.01
C LYS E 133 1.75 -16.42 30.38
N THR E 134 1.40 -17.57 29.80
CA THR E 134 2.00 -18.84 30.20
C THR E 134 3.10 -19.32 29.26
N ASP E 135 3.07 -18.95 27.99
CA ASP E 135 3.97 -19.49 26.99
C ASP E 135 4.50 -18.37 26.09
N ARG E 136 5.05 -17.31 26.71
CA ARG E 136 5.56 -16.13 26.03
C ARG E 136 6.33 -16.45 24.75
N GLU E 137 7.18 -17.49 24.79
CA GLU E 137 7.99 -17.82 23.62
C GLU E 137 7.13 -18.27 22.45
N LYS E 138 6.07 -19.04 22.72
CA LYS E 138 5.14 -19.43 21.66
C LYS E 138 4.43 -18.20 21.09
N TYR E 139 3.95 -17.31 21.97
CA TYR E 139 3.38 -16.05 21.50
C TYR E 139 4.37 -15.27 20.67
N ASN E 140 5.63 -15.22 21.12
CA ASN E 140 6.67 -14.48 20.39
C ASN E 140 6.88 -15.08 19.01
N ARG E 141 6.92 -16.41 18.92
CA ARG E 141 7.15 -17.08 17.65
C ARG E 141 6.01 -16.82 16.68
N ILE E 142 4.77 -16.96 17.14
CA ILE E 142 3.62 -16.80 16.25
C ILE E 142 3.52 -15.35 15.78
N ALA E 143 3.75 -14.39 16.68
CA ALA E 143 3.69 -12.98 16.29
C ALA E 143 4.75 -12.65 15.25
N ARG E 144 5.95 -13.22 15.38
CA ARG E 144 6.98 -13.01 14.35
C ARG E 144 6.56 -13.62 13.02
N GLU E 145 5.99 -14.83 13.05
CA GLU E 145 5.55 -15.46 11.81
C GLU E 145 4.48 -14.63 11.11
N TRP E 146 3.51 -14.11 11.88
CA TRP E 146 2.45 -13.31 11.26
C TRP E 146 2.94 -11.95 10.83
N THR E 147 3.96 -11.41 11.50
CA THR E 147 4.56 -10.16 11.04
C THR E 147 5.17 -10.35 9.67
N GLN E 148 5.97 -11.39 9.50
CA GLN E 148 6.57 -11.67 8.19
C GLN E 148 5.51 -11.98 7.15
N LYS E 149 4.50 -12.77 7.52
CA LYS E 149 3.50 -13.19 6.55
C LYS E 149 2.65 -12.02 6.07
N TYR E 150 2.14 -11.22 7.01
CA TYR E 150 1.11 -10.24 6.69
C TYR E 150 1.63 -8.81 6.61
N ALA E 151 2.66 -8.47 7.37
CA ALA E 151 3.09 -7.09 7.54
C ALA E 151 4.38 -6.76 6.80
N MET E 152 4.96 -7.73 6.10
CA MET E 152 6.16 -7.47 5.32
C MET E 152 6.03 -8.09 3.93
N ASP F 10 -22.94 22.79 12.70
CA ASP F 10 -23.18 24.22 12.73
C ASP F 10 -22.90 24.86 11.36
N LYS F 11 -21.80 24.47 10.74
CA LYS F 11 -21.38 25.05 9.46
C LYS F 11 -20.76 23.97 8.60
N MET F 12 -20.82 24.18 7.28
CA MET F 12 -20.30 23.22 6.31
C MET F 12 -18.85 23.53 5.97
N HIS F 13 -18.04 22.48 5.90
CA HIS F 13 -16.62 22.59 5.54
C HIS F 13 -16.28 21.54 4.51
N ILE F 14 -15.57 21.94 3.46
CA ILE F 14 -15.01 21.03 2.48
C ILE F 14 -13.51 21.24 2.41
N PHE F 15 -12.82 20.35 1.71
CA PHE F 15 -11.37 20.31 1.71
C PHE F 15 -10.84 20.13 0.30
N VAL F 16 -9.64 20.64 0.07
CA VAL F 16 -9.01 20.61 -1.25
C VAL F 16 -7.63 19.99 -1.12
N ARG F 17 -7.40 18.90 -1.83
CA ARG F 17 -6.11 18.22 -1.88
C ARG F 17 -5.31 18.68 -3.09
N THR F 18 -4.03 18.97 -2.87
CA THR F 18 -3.10 19.33 -3.94
C THR F 18 -1.85 18.47 -3.80
N ALA F 19 -1.03 18.50 -4.85
CA ALA F 19 0.22 17.75 -4.84
C ALA F 19 1.26 18.39 -3.94
N THR F 20 1.26 19.72 -3.82
CA THR F 20 2.35 20.43 -3.17
C THR F 20 1.99 21.15 -1.88
N LEU F 21 0.71 21.45 -1.65
CA LEU F 21 0.31 22.23 -0.48
C LEU F 21 -0.38 21.37 0.58
N LEU F 22 -0.38 21.89 1.79
CA LEU F 22 -1.18 21.29 2.86
C LEU F 22 -2.65 21.32 2.48
N MET F 23 -3.41 20.33 2.98
CA MET F 23 -4.86 20.34 2.89
C MET F 23 -5.43 21.72 3.14
N ILE F 24 -6.30 22.17 2.24
CA ILE F 24 -6.98 23.45 2.37
C ILE F 24 -8.36 23.18 2.96
N ILE F 25 -8.76 23.96 3.97
CA ILE F 25 -10.12 23.93 4.48
C ILE F 25 -10.86 25.17 3.99
N LEU F 26 -12.12 24.98 3.61
CA LEU F 26 -12.99 26.07 3.19
C LEU F 26 -14.30 25.97 3.94
N GLU F 27 -14.84 27.13 4.33
CA GLU F 27 -16.18 27.21 4.88
C GLU F 27 -17.13 27.58 3.75
N VAL F 28 -18.10 26.70 3.49
CA VAL F 28 -18.98 26.82 2.34
C VAL F 28 -20.42 26.58 2.77
N GLU F 29 -21.33 26.79 1.84
CA GLU F 29 -22.73 26.48 1.98
C GLU F 29 -23.18 25.70 0.76
N PRO F 30 -24.24 24.89 0.89
CA PRO F 30 -24.68 24.07 -0.26
C PRO F 30 -25.02 24.88 -1.49
N SER F 31 -25.48 26.13 -1.32
CA SER F 31 -25.81 26.98 -2.46
C SER F 31 -24.59 27.59 -3.13
N ASP F 32 -23.39 27.41 -2.57
CA ASP F 32 -22.19 27.96 -3.18
C ASP F 32 -21.92 27.32 -4.54
N THR F 33 -21.60 28.15 -5.52
CA THR F 33 -21.21 27.67 -6.84
C THR F 33 -19.74 27.25 -6.83
N ILE F 34 -19.35 26.55 -7.89
CA ILE F 34 -17.95 26.15 -8.03
C ILE F 34 -17.07 27.38 -8.22
N GLU F 35 -17.57 28.40 -8.92
CA GLU F 35 -16.82 29.64 -9.05
C GLU F 35 -16.63 30.32 -7.70
N ASN F 36 -17.62 30.20 -6.81
CA ASN F 36 -17.46 30.68 -5.45
C ASN F 36 -16.34 29.95 -4.73
N VAL F 37 -16.22 28.64 -4.97
CA VAL F 37 -15.21 27.84 -4.30
C VAL F 37 -13.81 28.25 -4.76
N LYS F 38 -13.63 28.42 -6.07
CA LYS F 38 -12.32 28.85 -6.59
C LYS F 38 -11.95 30.23 -6.08
N ALA F 39 -12.92 31.12 -5.91
CA ALA F 39 -12.64 32.42 -5.30
C ALA F 39 -12.16 32.26 -3.87
N LYS F 40 -12.77 31.35 -3.11
CA LYS F 40 -12.33 31.10 -1.75
C LYS F 40 -10.92 30.51 -1.72
N ILE F 41 -10.61 29.64 -2.69
CA ILE F 41 -9.25 29.13 -2.81
C ILE F 41 -8.27 30.25 -3.13
N GLN F 42 -8.68 31.18 -4.01
CA GLN F 42 -7.81 32.29 -4.36
C GLN F 42 -7.43 33.12 -3.13
N ASP F 43 -8.37 33.31 -2.21
CA ASP F 43 -8.06 34.07 -1.00
C ASP F 43 -7.05 33.34 -0.13
N LYS F 44 -7.16 32.02 -0.03
CA LYS F 44 -6.35 31.26 0.92
C LYS F 44 -5.01 30.82 0.35
N GLU F 45 -4.88 30.69 -0.97
CA GLU F 45 -3.64 30.22 -1.57
C GLU F 45 -3.09 31.11 -2.67
N GLY F 46 -3.84 32.12 -3.12
CA GLY F 46 -3.36 33.04 -4.14
C GLY F 46 -3.47 32.55 -5.56
N ILE F 47 -4.04 31.37 -5.79
CA ILE F 47 -4.11 30.79 -7.12
C ILE F 47 -5.27 31.43 -7.89
N PRO F 48 -5.02 32.02 -9.04
CA PRO F 48 -6.12 32.59 -9.84
C PRO F 48 -7.13 31.52 -10.22
N PRO F 49 -8.42 31.85 -10.19
CA PRO F 49 -9.44 30.83 -10.49
C PRO F 49 -9.33 30.24 -11.88
N ASP F 50 -8.75 30.97 -12.84
CA ASP F 50 -8.58 30.45 -14.19
C ASP F 50 -7.53 29.36 -14.28
N GLN F 51 -6.71 29.18 -13.24
CA GLN F 51 -5.70 28.12 -13.21
C GLN F 51 -6.14 26.92 -12.37
N GLN F 52 -7.40 26.86 -11.97
CA GLN F 52 -7.90 25.89 -11.01
C GLN F 52 -8.78 24.87 -11.71
N SER F 53 -8.40 23.59 -11.62
CA SER F 53 -9.22 22.48 -12.08
C SER F 53 -9.65 21.68 -10.86
N LEU F 54 -10.92 21.80 -10.50
CA LEU F 54 -11.47 21.12 -9.32
C LEU F 54 -12.14 19.83 -9.74
N VAL F 55 -11.79 18.73 -9.06
CA VAL F 55 -12.29 17.40 -9.36
C VAL F 55 -12.79 16.77 -8.08
N PHE F 56 -14.00 16.21 -8.13
CA PHE F 56 -14.56 15.47 -7.00
C PHE F 56 -15.10 14.14 -7.51
N ARG F 57 -14.66 13.05 -6.88
CA ARG F 57 -14.98 11.70 -7.32
C ARG F 57 -14.68 11.53 -8.81
N ARG F 58 -13.50 11.99 -9.21
CA ARG F 58 -12.99 11.90 -10.57
C ARG F 58 -13.87 12.63 -11.59
N LYS F 59 -14.81 13.45 -11.14
CA LYS F 59 -15.70 14.19 -12.02
C LYS F 59 -15.27 15.66 -12.05
N GLN F 60 -15.12 16.20 -13.26
CA GLN F 60 -14.74 17.59 -13.41
C GLN F 60 -15.88 18.50 -12.94
N LEU F 61 -15.52 19.57 -12.24
CA LEU F 61 -16.50 20.48 -11.65
C LEU F 61 -16.59 21.75 -12.49
N GLU F 62 -17.80 22.12 -12.88
CA GLU F 62 -18.05 23.24 -13.77
C GLU F 62 -18.38 24.49 -12.96
N ASP F 63 -17.89 25.64 -13.44
CA ASP F 63 -17.97 26.88 -12.66
C ASP F 63 -19.41 27.26 -12.33
N GLY F 64 -20.33 27.03 -13.26
CA GLY F 64 -21.70 27.48 -13.09
C GLY F 64 -22.54 26.64 -12.14
N ARG F 65 -22.11 25.42 -11.84
CA ARG F 65 -22.90 24.53 -10.98
C ARG F 65 -22.53 24.75 -9.52
N THR F 66 -23.40 24.28 -8.64
CA THR F 66 -23.27 24.47 -7.19
C THR F 66 -22.86 23.17 -6.51
N LEU F 67 -22.57 23.29 -5.20
CA LEU F 67 -22.16 22.12 -4.43
C LEU F 67 -23.32 21.16 -4.20
N SER F 68 -24.52 21.69 -3.92
CA SER F 68 -25.67 20.82 -3.70
C SER F 68 -26.02 20.05 -4.95
N ASP F 69 -25.68 20.59 -6.13
CA ASP F 69 -25.90 19.87 -7.37
C ASP F 69 -25.08 18.58 -7.41
N TYR F 70 -23.85 18.63 -6.93
CA TYR F 70 -22.94 17.49 -6.97
C TYR F 70 -23.05 16.61 -5.73
N ASN F 71 -24.01 16.90 -4.83
CA ASN F 71 -24.17 16.15 -3.58
C ASN F 71 -22.89 16.15 -2.77
N ILE F 72 -22.23 17.30 -2.72
CA ILE F 72 -21.01 17.48 -1.95
C ILE F 72 -21.42 17.86 -0.53
N ARG F 73 -21.20 16.95 0.42
CA ARG F 73 -21.57 17.16 1.80
C ARG F 73 -20.38 17.67 2.60
N THR F 74 -20.63 18.04 3.85
CA THR F 74 -19.57 18.53 4.72
C THR F 74 -18.51 17.45 4.92
N GLY F 75 -17.26 17.85 4.93
CA GLY F 75 -16.15 16.92 5.03
C GLY F 75 -15.64 16.36 3.73
N SER F 76 -16.24 16.71 2.59
CA SER F 76 -15.76 16.22 1.31
C SER F 76 -14.38 16.77 0.98
N ILE F 77 -13.58 15.95 0.30
CA ILE F 77 -12.24 16.32 -0.12
C ILE F 77 -12.22 16.39 -1.64
N LEU F 78 -11.92 17.57 -2.17
CA LEU F 78 -11.80 17.78 -3.61
C LEU F 78 -10.32 17.76 -4.01
N GLU F 79 -10.09 17.57 -5.30
CA GLU F 79 -8.74 17.56 -5.87
C GLU F 79 -8.54 18.81 -6.71
N LEU F 80 -7.42 19.49 -6.52
CA LEU F 80 -7.08 20.68 -7.27
C LEU F 80 -5.87 20.38 -8.15
N VAL F 81 -6.01 20.62 -9.45
CA VAL F 81 -4.93 20.49 -10.41
C VAL F 81 -4.77 21.84 -11.12
N LEU F 82 -3.54 22.26 -11.30
CA LEU F 82 -3.26 23.59 -11.84
C LEU F 82 -3.19 23.55 -13.37
N ARG F 83 -3.19 24.75 -13.97
CA ARG F 83 -3.07 24.94 -15.42
C ARG F 83 -4.17 24.22 -16.18
N VAL F 84 -5.40 24.71 -15.99
CA VAL F 84 -6.58 24.18 -16.69
C VAL F 84 -6.32 24.03 -18.19
N GLY G 4 -36.17 8.67 46.62
CA GLY G 4 -34.90 8.69 45.91
C GLY G 4 -35.02 8.29 44.45
N SER G 5 -36.05 7.50 44.14
CA SER G 5 -36.31 7.12 42.75
C SER G 5 -36.92 8.24 41.93
N MET G 6 -37.49 9.25 42.59
CA MET G 6 -38.03 10.40 41.88
C MET G 6 -36.95 11.17 41.13
N ALA G 7 -35.77 11.33 41.75
CA ALA G 7 -34.70 12.05 41.11
C ALA G 7 -34.10 11.24 39.96
N LEU G 8 -34.02 9.92 40.13
CA LEU G 8 -33.40 9.08 39.11
C LEU G 8 -34.16 9.15 37.79
N LYS G 9 -35.49 9.19 37.85
CA LYS G 9 -36.28 9.38 36.63
C LYS G 9 -35.93 10.71 35.96
N ARG G 10 -35.79 11.78 36.76
CA ARG G 10 -35.46 13.08 36.19
C ARG G 10 -34.01 13.10 35.71
N ILE G 11 -33.10 12.48 36.46
CA ILE G 11 -31.70 12.43 36.07
C ILE G 11 -31.55 11.72 34.73
N HIS G 12 -32.22 10.58 34.58
CA HIS G 12 -32.22 9.86 33.30
C HIS G 12 -32.83 10.73 32.21
N LYS G 13 -33.89 11.48 32.55
CA LYS G 13 -34.54 12.36 31.59
C LYS G 13 -33.54 13.38 31.04
N GLU G 14 -32.78 14.03 31.93
CA GLU G 14 -31.78 15.00 31.49
C GLU G 14 -30.68 14.36 30.66
N LEU G 15 -30.26 13.15 31.02
CA LEU G 15 -29.15 12.51 30.31
C LEU G 15 -29.47 12.33 28.83
N ASN G 16 -30.68 11.89 28.50
CA ASN G 16 -31.01 11.64 27.10
C ASN G 16 -31.21 12.93 26.31
N ASP G 17 -31.86 13.94 26.91
CA ASP G 17 -31.97 15.21 26.21
C ASP G 17 -30.62 15.88 26.04
N LEU G 18 -29.71 15.66 26.99
CA LEU G 18 -28.34 16.11 26.82
C LEU G 18 -27.72 15.44 25.60
N ALA G 19 -28.03 14.16 25.38
CA ALA G 19 -27.49 13.43 24.24
C ALA G 19 -28.07 13.93 22.92
N ARG G 20 -29.39 14.17 22.88
CA ARG G 20 -30.03 14.62 21.65
C ARG G 20 -29.77 16.09 21.35
N ASP G 21 -29.55 16.92 22.37
CA ASP G 21 -29.30 18.35 22.21
C ASP G 21 -28.05 18.72 22.99
N PRO G 22 -26.88 18.29 22.55
CA PRO G 22 -25.64 18.58 23.27
C PRO G 22 -25.31 20.06 23.22
N PRO G 23 -24.80 20.62 24.31
CA PRO G 23 -24.26 21.98 24.25
C PRO G 23 -23.04 22.03 23.35
N ALA G 24 -22.74 23.23 22.86
CA ALA G 24 -21.66 23.40 21.89
C ALA G 24 -20.31 23.02 22.49
N GLN G 25 -20.06 23.38 23.75
CA GLN G 25 -18.72 23.30 24.32
C GLN G 25 -18.62 22.36 25.51
N SER G 26 -19.62 21.53 25.78
CA SER G 26 -19.59 20.72 26.99
C SER G 26 -20.39 19.44 26.79
N ARG G 27 -20.02 18.44 27.60
CA ARG G 27 -20.70 17.15 27.66
C ARG G 27 -20.76 16.71 29.11
N ALA G 28 -21.74 15.88 29.42
CA ALA G 28 -21.87 15.37 30.79
C ALA G 28 -22.64 14.05 30.78
N GLY G 29 -22.20 13.12 31.62
CA GLY G 29 -22.88 11.86 31.80
C GLY G 29 -22.17 10.98 32.81
N PRO G 30 -22.82 9.90 33.22
CA PRO G 30 -22.17 8.96 34.14
C PRO G 30 -21.14 8.12 33.39
N VAL G 31 -19.97 7.95 34.01
CA VAL G 31 -18.94 7.06 33.51
C VAL G 31 -18.71 5.85 34.41
N GLY G 32 -19.22 5.87 35.63
CA GLY G 32 -19.14 4.73 36.53
C GLY G 32 -20.42 3.92 36.53
N ASP G 33 -20.69 3.26 37.66
CA ASP G 33 -21.88 2.44 37.81
C ASP G 33 -22.97 3.13 38.62
N ASP G 34 -22.86 4.45 38.81
CA ASP G 34 -23.74 5.20 39.70
C ASP G 34 -24.40 6.32 38.89
N MET G 35 -25.70 6.19 38.64
CA MET G 35 -26.44 7.24 37.95
C MET G 35 -26.43 8.56 38.71
N PHE G 36 -26.17 8.53 40.02
CA PHE G 36 -26.15 9.75 40.82
C PHE G 36 -24.88 10.57 40.63
N HIS G 37 -23.83 9.99 40.05
CA HIS G 37 -22.54 10.66 39.90
C HIS G 37 -22.21 10.76 38.42
N TRP G 38 -22.10 11.99 37.91
CA TRP G 38 -21.74 12.23 36.53
C TRP G 38 -20.37 12.88 36.43
N GLN G 39 -19.73 12.66 35.29
CA GLN G 39 -18.58 13.42 34.85
C GLN G 39 -19.03 14.49 33.87
N ALA G 40 -18.30 15.60 33.83
CA ALA G 40 -18.53 16.63 32.83
C ALA G 40 -17.19 17.09 32.28
N THR G 41 -17.20 17.51 31.02
CA THR G 41 -16.04 18.16 30.39
C THR G 41 -16.51 19.43 29.72
N ILE G 42 -15.79 20.52 29.97
CA ILE G 42 -16.06 21.80 29.31
C ILE G 42 -14.78 22.25 28.60
N MET G 43 -14.92 22.58 27.32
CA MET G 43 -13.87 23.28 26.60
C MET G 43 -13.70 24.69 27.17
N GLY G 44 -12.45 25.12 27.34
CA GLY G 44 -12.18 26.50 27.66
C GLY G 44 -12.78 27.39 26.60
N PRO G 45 -13.56 28.39 27.01
CA PRO G 45 -14.22 29.26 26.03
C PRO G 45 -13.20 30.02 25.19
N ASN G 46 -13.55 30.21 23.92
CA ASN G 46 -12.74 31.05 23.04
C ASN G 46 -12.77 32.49 23.54
N ASP G 47 -11.70 33.22 23.23
CA ASP G 47 -11.53 34.61 23.69
C ASP G 47 -11.63 34.69 25.21
N SER G 48 -10.98 33.75 25.88
CA SER G 48 -10.85 33.72 27.34
C SER G 48 -9.48 33.17 27.65
N PRO G 49 -8.90 33.49 28.82
CA PRO G 49 -7.58 32.94 29.16
C PRO G 49 -7.57 31.42 29.34
N TYR G 50 -8.72 30.77 29.28
CA TYR G 50 -8.83 29.32 29.38
C TYR G 50 -8.93 28.64 28.02
N GLN G 51 -8.82 29.40 26.93
CA GLN G 51 -8.99 28.83 25.60
C GLN G 51 -7.96 27.75 25.33
N GLY G 52 -8.39 26.69 24.65
CA GLY G 52 -7.54 25.54 24.40
C GLY G 52 -7.54 24.53 25.52
N GLY G 53 -8.08 24.87 26.69
CA GLY G 53 -8.10 23.96 27.81
C GLY G 53 -9.29 23.03 27.78
N VAL G 54 -9.11 21.89 28.45
CA VAL G 54 -10.16 20.89 28.63
C VAL G 54 -10.28 20.68 30.12
N PHE G 55 -11.45 20.98 30.68
CA PHE G 55 -11.67 20.97 32.11
C PHE G 55 -12.68 19.88 32.46
N PHE G 56 -12.31 19.01 33.40
CA PHE G 56 -13.19 17.96 33.87
C PHE G 56 -13.86 18.39 35.17
N LEU G 57 -15.12 17.98 35.33
CA LEU G 57 -15.93 18.28 36.49
C LEU G 57 -16.62 17.01 36.97
N THR G 58 -17.07 17.06 38.22
CA THR G 58 -17.93 16.02 38.77
C THR G 58 -19.29 16.61 39.09
N ILE G 59 -20.33 15.82 38.87
CA ILE G 59 -21.71 16.21 39.17
C ILE G 59 -22.31 15.14 40.08
N HIS G 60 -22.78 15.55 41.26
CA HIS G 60 -23.38 14.64 42.23
C HIS G 60 -24.79 15.11 42.51
N PHE G 61 -25.78 14.32 42.10
CA PHE G 61 -27.18 14.61 42.41
C PHE G 61 -27.50 14.02 43.77
N PRO G 62 -28.01 14.79 44.73
CA PRO G 62 -28.48 14.19 45.99
C PRO G 62 -29.71 13.32 45.75
N THR G 63 -30.17 12.64 46.81
CA THR G 63 -31.31 11.74 46.67
C THR G 63 -32.55 12.61 46.68
N ASP G 64 -32.49 13.67 45.89
CA ASP G 64 -33.38 14.80 45.86
C ASP G 64 -32.81 15.60 44.70
N TYR G 65 -33.65 16.37 44.03
CA TYR G 65 -33.45 16.87 42.67
C TYR G 65 -34.76 16.54 41.95
N PRO G 66 -35.36 17.51 41.25
CA PRO G 66 -34.71 18.79 40.99
C PRO G 66 -34.94 19.88 42.06
N PHE G 67 -35.20 19.50 43.31
CA PHE G 67 -35.46 20.50 44.35
C PHE G 67 -34.17 21.06 44.92
N LYS G 68 -33.22 20.18 45.32
CA LYS G 68 -31.95 20.84 45.56
C LYS G 68 -31.04 20.71 44.34
N PRO G 69 -30.15 21.68 44.11
CA PRO G 69 -29.30 21.62 42.92
C PRO G 69 -28.24 20.53 43.06
N PRO G 70 -27.64 20.10 41.96
CA PRO G 70 -26.53 19.16 42.07
C PRO G 70 -25.28 19.83 42.63
N LYS G 71 -24.44 19.02 43.27
CA LYS G 71 -23.11 19.47 43.64
C LYS G 71 -22.19 19.32 42.43
N VAL G 72 -21.65 20.44 41.96
CA VAL G 72 -20.74 20.49 40.82
C VAL G 72 -19.40 21.02 41.29
N ALA G 73 -18.31 20.35 40.89
CA ALA G 73 -16.98 20.75 41.29
C ALA G 73 -16.00 20.45 40.17
N PHE G 74 -15.00 21.31 40.01
CA PHE G 74 -13.92 21.03 39.07
C PHE G 74 -12.98 19.97 39.64
N THR G 75 -12.54 19.07 38.77
CA THR G 75 -11.39 18.23 39.11
C THR G 75 -10.10 18.76 38.49
N THR G 76 -10.20 19.46 37.36
CA THR G 76 -9.06 20.09 36.74
C THR G 76 -8.72 21.38 37.49
N ARG G 77 -7.43 21.59 37.76
CA ARG G 77 -7.00 22.83 38.40
C ARG G 77 -7.26 24.02 37.48
N ILE G 78 -7.62 25.16 38.07
CA ILE G 78 -7.95 26.34 37.29
C ILE G 78 -7.76 27.58 38.16
N TYR G 79 -7.29 28.66 37.54
CA TYR G 79 -7.10 29.95 38.20
C TYR G 79 -8.32 30.82 37.92
N HIS G 80 -9.17 30.99 38.93
CA HIS G 80 -10.45 31.65 38.75
C HIS G 80 -10.91 32.26 40.06
N PRO G 81 -11.44 33.48 40.04
CA PRO G 81 -11.93 34.09 41.30
C PRO G 81 -13.12 33.38 41.92
N ASN G 82 -13.83 32.55 41.16
CA ASN G 82 -15.03 31.87 41.65
C ASN G 82 -14.85 30.38 41.83
N ILE G 83 -13.65 29.85 41.60
CA ILE G 83 -13.34 28.44 41.79
C ILE G 83 -12.09 28.33 42.63
N ASN G 84 -12.14 27.53 43.70
CA ASN G 84 -11.00 27.42 44.60
C ASN G 84 -10.17 26.17 44.30
N SER G 85 -9.16 25.93 45.14
CA SER G 85 -8.21 24.86 44.90
C SER G 85 -8.81 23.47 45.08
N ASN G 86 -9.97 23.37 45.74
CA ASN G 86 -10.65 22.09 45.87
C ASN G 86 -11.65 21.83 44.75
N GLY G 87 -11.78 22.76 43.81
CA GLY G 87 -12.73 22.63 42.72
C GLY G 87 -14.10 23.19 42.98
N SER G 88 -14.39 23.68 44.19
CA SER G 88 -15.73 24.21 44.47
C SER G 88 -16.00 25.45 43.62
N ILE G 89 -17.27 25.62 43.25
CA ILE G 89 -17.69 26.67 42.32
C ILE G 89 -18.66 27.60 43.06
N CYS G 90 -18.42 28.90 42.96
CA CYS G 90 -19.33 29.91 43.49
C CYS G 90 -20.24 30.38 42.36
N LEU G 91 -21.44 29.79 42.28
CA LEU G 91 -22.38 30.07 41.21
C LEU G 91 -23.78 30.19 41.81
N ASP G 92 -24.52 31.22 41.38
CA ASP G 92 -25.81 31.51 42.01
C ASP G 92 -26.81 30.38 41.82
N ILE G 93 -26.85 29.79 40.62
CA ILE G 93 -27.82 28.72 40.37
C ILE G 93 -27.42 27.39 40.98
N LEU G 94 -26.21 27.28 41.53
CA LEU G 94 -25.85 26.17 42.41
C LEU G 94 -26.20 26.48 43.85
N ARG G 95 -27.00 27.53 44.07
CA ARG G 95 -27.27 28.14 45.35
C ARG G 95 -28.71 28.66 45.30
N SER G 96 -29.02 29.65 46.14
CA SER G 96 -30.35 30.26 46.24
C SER G 96 -31.06 30.43 44.91
N GLN G 97 -30.34 30.78 43.86
CA GLN G 97 -30.95 31.01 42.55
C GLN G 97 -31.33 29.73 41.83
N TRP G 98 -31.12 28.57 42.45
CA TRP G 98 -31.40 27.31 41.79
C TRP G 98 -32.91 27.16 41.57
N SER G 99 -33.30 26.57 40.45
CA SER G 99 -34.69 26.30 40.15
C SER G 99 -34.87 24.86 39.71
N PRO G 100 -35.84 24.13 40.28
CA PRO G 100 -36.21 22.83 39.71
C PRO G 100 -36.35 22.80 38.20
N ALA G 101 -36.75 23.92 37.58
CA ALA G 101 -36.88 23.97 36.14
C ALA G 101 -35.54 23.92 35.43
N LEU G 102 -34.46 24.29 36.12
CA LEU G 102 -33.14 24.30 35.49
C LEU G 102 -32.69 22.89 35.14
N THR G 103 -31.95 22.78 34.05
CA THR G 103 -31.41 21.52 33.56
C THR G 103 -29.89 21.52 33.72
N ILE G 104 -29.30 20.32 33.60
CA ILE G 104 -27.85 20.20 33.60
C ILE G 104 -27.27 20.98 32.43
N SER G 105 -27.97 20.97 31.30
CA SER G 105 -27.52 21.74 30.14
C SER G 105 -27.44 23.23 30.48
N LYS G 106 -28.41 23.74 31.23
CA LYS G 106 -28.34 25.13 31.68
C LYS G 106 -27.16 25.35 32.62
N VAL G 107 -26.91 24.39 33.52
CA VAL G 107 -25.80 24.51 34.47
C VAL G 107 -24.46 24.61 33.73
N LEU G 108 -24.24 23.69 32.79
CA LEU G 108 -22.99 23.71 32.04
C LEU G 108 -22.82 25.00 31.26
N LEU G 109 -23.91 25.49 30.65
CA LEU G 109 -23.84 26.76 29.93
C LEU G 109 -23.50 27.90 30.88
N SER G 110 -24.07 27.88 32.09
CA SER G 110 -23.77 28.92 33.08
CA SER G 110 -23.77 28.92 33.08
C SER G 110 -22.30 28.87 33.49
N ILE G 111 -21.75 27.66 33.66
CA ILE G 111 -20.33 27.53 34.02
C ILE G 111 -19.44 28.03 32.89
N SER G 112 -19.83 27.75 31.64
CA SER G 112 -19.09 28.29 30.50
C SER G 112 -19.09 29.81 30.52
N SER G 113 -20.25 30.41 30.80
CA SER G 113 -20.33 31.87 30.91
C SER G 113 -19.49 32.39 32.07
N LEU G 114 -19.44 31.63 33.17
CA LEU G 114 -18.59 32.01 34.31
C LEU G 114 -17.12 32.03 33.92
N LEU G 115 -16.67 31.06 33.12
CA LEU G 115 -15.29 31.04 32.67
C LEU G 115 -14.98 32.23 31.78
N SER G 116 -15.92 32.60 30.89
CA SER G 116 -15.71 33.76 30.05
C SER G 116 -15.71 35.05 30.86
N ASP G 117 -16.68 35.20 31.77
CA ASP G 117 -16.86 36.43 32.54
C ASP G 117 -17.02 36.09 34.01
N PRO G 118 -15.93 36.14 34.78
CA PRO G 118 -16.02 35.87 36.23
C PRO G 118 -16.81 36.95 36.95
N ASN G 119 -17.27 36.59 38.15
CA ASN G 119 -18.00 37.51 39.03
C ASN G 119 -17.13 37.88 40.22
N PRO G 120 -16.26 38.89 40.07
CA PRO G 120 -15.31 39.21 41.16
C PRO G 120 -15.97 39.77 42.40
N ASP G 121 -17.18 40.31 42.30
CA ASP G 121 -17.87 40.84 43.48
C ASP G 121 -18.58 39.75 44.28
N ASP G 122 -18.62 38.52 43.78
CA ASP G 122 -19.14 37.37 44.53
C ASP G 122 -18.14 36.23 44.41
N PRO G 123 -16.92 36.40 44.95
CA PRO G 123 -15.85 35.43 44.65
C PRO G 123 -15.69 34.31 45.67
N LEU G 124 -14.85 33.33 45.32
CA LEU G 124 -14.47 32.26 46.22
C LEU G 124 -13.04 32.37 46.73
N VAL G 125 -12.15 32.93 45.91
CA VAL G 125 -10.76 33.17 46.28
C VAL G 125 -10.53 34.67 46.25
N PRO G 126 -10.57 35.35 47.40
CA PRO G 126 -10.51 36.82 47.40
C PRO G 126 -9.27 37.38 46.72
N GLU G 127 -8.10 36.75 46.93
CA GLU G 127 -6.87 37.25 46.32
C GLU G 127 -6.98 37.30 44.80
N ILE G 128 -7.54 36.25 44.19
CA ILE G 128 -7.67 36.21 42.73
C ILE G 128 -8.65 37.28 42.25
N ALA G 129 -9.75 37.46 42.97
CA ALA G 129 -10.71 38.50 42.60
C ALA G 129 -10.07 39.89 42.69
N ARG G 130 -9.21 40.11 43.69
CA ARG G 130 -8.50 41.38 43.79
C ARG G 130 -7.62 41.61 42.57
N ILE G 131 -6.90 40.57 42.13
CA ILE G 131 -6.07 40.70 40.94
C ILE G 131 -6.93 40.92 39.70
N TYR G 132 -8.06 40.20 39.61
CA TYR G 132 -8.95 40.37 38.46
C TYR G 132 -9.45 41.80 38.36
N LYS G 133 -9.78 42.42 39.48
CA LYS G 133 -10.31 43.78 39.48
C LYS G 133 -9.24 44.82 39.19
N THR G 134 -8.07 44.69 39.81
CA THR G 134 -7.05 45.73 39.78
C THR G 134 -6.00 45.53 38.69
N ASP G 135 -5.57 44.29 38.44
CA ASP G 135 -4.54 44.00 37.44
C ASP G 135 -5.05 42.86 36.56
N ARG G 136 -5.83 43.22 35.54
CA ARG G 136 -6.44 42.20 34.67
C ARG G 136 -5.39 41.42 33.91
N GLU G 137 -4.32 42.09 33.46
CA GLU G 137 -3.30 41.42 32.67
C GLU G 137 -2.59 40.34 33.48
N LYS G 138 -2.38 40.60 34.78
CA LYS G 138 -1.80 39.57 35.63
C LYS G 138 -2.72 38.35 35.73
N TYR G 139 -4.03 38.59 35.92
CA TYR G 139 -4.97 37.47 35.99
C TYR G 139 -5.01 36.70 34.68
N ASN G 140 -5.05 37.42 33.55
CA ASN G 140 -5.08 36.75 32.26
C ASN G 140 -3.83 35.91 32.04
N ARG G 141 -2.66 36.46 32.40
CA ARG G 141 -1.41 35.73 32.23
C ARG G 141 -1.38 34.47 33.09
N ILE G 142 -1.69 34.59 34.38
CA ILE G 142 -1.63 33.44 35.28
C ILE G 142 -2.64 32.38 34.87
N ALA G 143 -3.87 32.79 34.54
CA ALA G 143 -4.88 31.84 34.10
C ALA G 143 -4.45 31.13 32.82
N ARG G 144 -3.74 31.83 31.93
CA ARG G 144 -3.23 31.21 30.71
C ARG G 144 -2.18 30.17 31.02
N GLU G 145 -1.23 30.51 31.90
CA GLU G 145 -0.20 29.54 32.30
C GLU G 145 -0.83 28.32 32.97
N TRP G 146 -1.82 28.53 33.83
CA TRP G 146 -2.46 27.42 34.50
C TRP G 146 -3.25 26.55 33.52
N THR G 147 -3.85 27.15 32.50
CA THR G 147 -4.51 26.38 31.45
C THR G 147 -3.50 25.49 30.73
N GLN G 148 -2.35 26.06 30.35
CA GLN G 148 -1.28 25.28 29.74
C GLN G 148 -0.78 24.20 30.70
N LYS G 149 -0.60 24.54 31.97
CA LYS G 149 -0.02 23.60 32.93
C LYS G 149 -0.92 22.40 33.20
N TYR G 150 -2.24 22.64 33.37
CA TYR G 150 -3.12 21.64 33.95
C TYR G 150 -4.24 21.16 33.03
N ALA G 151 -4.59 21.91 31.99
CA ALA G 151 -5.82 21.65 31.24
C ALA G 151 -5.56 21.25 29.79
N MET G 152 -4.34 20.81 29.47
CA MET G 152 -4.00 20.53 28.08
C MET G 152 -3.56 19.08 27.90
N ASP H 9 -42.73 0.95 48.70
CA ASP H 9 -42.29 -0.31 48.11
C ASP H 9 -40.78 -0.48 48.19
N ASP H 10 -40.30 -1.64 47.74
CA ASP H 10 -38.88 -1.89 47.58
C ASP H 10 -38.39 -1.56 46.19
N LYS H 11 -39.25 -1.02 45.33
CA LYS H 11 -38.90 -0.80 43.94
C LYS H 11 -37.70 0.15 43.81
N MET H 12 -36.81 -0.17 42.89
CA MET H 12 -35.65 0.64 42.59
C MET H 12 -35.49 0.75 41.08
N HIS H 13 -34.82 1.81 40.64
CA HIS H 13 -34.56 2.04 39.24
C HIS H 13 -33.09 1.75 38.95
N ILE H 14 -32.85 0.86 37.99
CA ILE H 14 -31.51 0.54 37.54
C ILE H 14 -31.38 0.94 36.08
N PHE H 15 -30.15 0.87 35.58
CA PHE H 15 -29.84 1.42 34.27
C PHE H 15 -28.97 0.45 33.50
N VAL H 16 -29.11 0.48 32.18
CA VAL H 16 -28.43 -0.44 31.29
C VAL H 16 -27.71 0.37 30.22
N ARG H 17 -26.39 0.31 30.21
CA ARG H 17 -25.55 1.04 29.27
C ARG H 17 -25.15 0.11 28.15
N THR H 18 -25.29 0.58 26.91
CA THR H 18 -24.92 -0.17 25.73
C THR H 18 -24.09 0.70 24.80
N ALA H 19 -23.26 0.06 23.98
CA ALA H 19 -22.38 0.81 23.08
C ALA H 19 -23.16 1.51 21.97
N THR H 20 -24.36 1.04 21.65
CA THR H 20 -25.08 1.51 20.47
C THR H 20 -26.42 2.16 20.75
N LEU H 21 -26.92 2.12 21.98
CA LEU H 21 -28.24 2.63 22.28
C LEU H 21 -28.17 3.65 23.41
N LEU H 22 -29.25 4.41 23.56
CA LEU H 22 -29.38 5.33 24.66
C LEU H 22 -29.48 4.57 25.99
N MET H 23 -29.16 5.26 27.08
CA MET H 23 -29.29 4.66 28.40
C MET H 23 -30.69 4.14 28.62
N ILE H 24 -30.78 2.90 29.12
CA ILE H 24 -32.05 2.24 29.36
C ILE H 24 -32.37 2.37 30.84
N ILE H 25 -33.60 2.77 31.14
CA ILE H 25 -34.09 2.79 32.52
C ILE H 25 -35.06 1.63 32.69
N LEU H 26 -34.94 0.93 33.81
CA LEU H 26 -35.82 -0.19 34.14
C LEU H 26 -36.36 0.01 35.54
N GLU H 27 -37.65 -0.28 35.71
CA GLU H 27 -38.27 -0.33 37.03
C GLU H 27 -38.20 -1.77 37.53
N VAL H 28 -37.38 -2.01 38.55
CA VAL H 28 -37.13 -3.35 39.06
C VAL H 28 -37.30 -3.35 40.57
N GLU H 29 -37.21 -4.53 41.17
CA GLU H 29 -37.17 -4.75 42.59
C GLU H 29 -35.91 -5.53 42.93
N PRO H 30 -35.42 -5.44 44.17
CA PRO H 30 -34.23 -6.22 44.54
C PRO H 30 -34.43 -7.72 44.42
N SER H 31 -35.68 -8.19 44.49
CA SER H 31 -35.99 -9.61 44.39
C SER H 31 -36.15 -10.10 42.96
N ASP H 32 -36.18 -9.20 41.97
CA ASP H 32 -36.26 -9.61 40.58
C ASP H 32 -34.97 -10.29 40.14
N THR H 33 -35.12 -11.30 39.28
CA THR H 33 -33.99 -12.06 38.78
C THR H 33 -33.41 -11.43 37.52
N ILE H 34 -32.14 -11.76 37.24
CA ILE H 34 -31.50 -11.29 36.03
C ILE H 34 -32.22 -11.82 34.79
N GLU H 35 -32.84 -13.00 34.90
CA GLU H 35 -33.71 -13.47 33.83
C GLU H 35 -34.82 -12.45 33.54
N ASN H 36 -35.49 -11.99 34.60
CA ASN H 36 -36.56 -11.02 34.45
C ASN H 36 -36.04 -9.69 33.92
N VAL H 37 -34.85 -9.28 34.36
CA VAL H 37 -34.26 -8.04 33.87
C VAL H 37 -34.01 -8.13 32.36
N LYS H 38 -33.45 -9.26 31.92
CA LYS H 38 -33.29 -9.47 30.47
C LYS H 38 -34.63 -9.46 29.77
N ALA H 39 -35.67 -10.01 30.42
CA ALA H 39 -37.01 -9.96 29.85
C ALA H 39 -37.50 -8.53 29.71
N LYS H 40 -37.25 -7.69 30.71
CA LYS H 40 -37.62 -6.28 30.62
C LYS H 40 -36.84 -5.59 29.51
N ILE H 41 -35.56 -5.96 29.33
CA ILE H 41 -34.78 -5.42 28.22
C ILE H 41 -35.35 -5.89 26.89
N GLN H 42 -35.84 -7.13 26.84
CA GLN H 42 -36.48 -7.63 25.62
C GLN H 42 -37.71 -6.80 25.26
N ASP H 43 -38.53 -6.46 26.25
CA ASP H 43 -39.72 -5.66 25.98
C ASP H 43 -39.35 -4.26 25.50
N LYS H 44 -38.33 -3.66 26.10
CA LYS H 44 -38.01 -2.27 25.80
C LYS H 44 -37.12 -2.13 24.57
N GLU H 45 -36.29 -3.12 24.27
CA GLU H 45 -35.42 -3.02 23.11
C GLU H 45 -35.64 -4.09 22.05
N GLY H 46 -36.37 -5.16 22.35
CA GLY H 46 -36.56 -6.22 21.38
C GLY H 46 -35.40 -7.19 21.25
N ILE H 47 -34.45 -7.16 22.19
CA ILE H 47 -33.24 -7.97 22.10
C ILE H 47 -33.50 -9.28 22.84
N PRO H 48 -33.36 -10.43 22.18
CA PRO H 48 -33.62 -11.72 22.85
C PRO H 48 -32.70 -11.92 24.04
N PRO H 49 -33.22 -12.49 25.14
CA PRO H 49 -32.38 -12.70 26.33
C PRO H 49 -31.12 -13.51 26.07
N ASP H 50 -31.20 -14.53 25.20
CA ASP H 50 -30.02 -15.34 24.91
C ASP H 50 -28.88 -14.51 24.34
N GLN H 51 -29.21 -13.40 23.68
CA GLN H 51 -28.22 -12.50 23.08
C GLN H 51 -27.71 -11.46 24.06
N GLN H 52 -28.22 -11.45 25.30
CA GLN H 52 -27.84 -10.46 26.29
C GLN H 52 -26.89 -11.08 27.30
N SER H 53 -25.77 -10.40 27.55
CA SER H 53 -24.91 -10.72 28.68
C SER H 53 -24.73 -9.43 29.49
N LEU H 54 -25.21 -9.45 30.72
CA LEU H 54 -25.14 -8.30 31.61
C LEU H 54 -23.86 -8.34 32.45
N VAL H 55 -23.34 -7.14 32.75
CA VAL H 55 -22.13 -6.98 33.54
C VAL H 55 -22.34 -5.87 34.55
N PHE H 56 -21.86 -6.07 35.77
CA PHE H 56 -21.84 -5.04 36.80
C PHE H 56 -20.58 -5.20 37.62
N ARG H 57 -19.71 -4.18 37.56
CA ARG H 57 -18.41 -4.18 38.23
C ARG H 57 -17.59 -5.41 37.82
N ARG H 58 -17.36 -5.52 36.52
CA ARG H 58 -16.52 -6.54 35.90
C ARG H 58 -17.04 -7.96 36.13
N LYS H 59 -18.25 -8.11 36.67
CA LYS H 59 -18.81 -9.41 37.01
C LYS H 59 -19.94 -9.76 36.06
N GLN H 60 -19.93 -10.98 35.53
CA GLN H 60 -21.03 -11.45 34.70
C GLN H 60 -22.22 -11.81 35.58
N LEU H 61 -23.42 -11.48 35.10
CA LEU H 61 -24.65 -11.66 35.85
C LEU H 61 -25.35 -12.93 35.36
N GLU H 62 -25.48 -13.91 36.25
CA GLU H 62 -25.95 -15.24 35.87
C GLU H 62 -27.47 -15.33 35.96
N ASP H 63 -28.08 -15.81 34.88
CA ASP H 63 -29.52 -16.01 34.85
C ASP H 63 -29.95 -16.92 36.00
N GLY H 64 -31.05 -16.56 36.66
CA GLY H 64 -31.48 -17.29 37.84
C GLY H 64 -30.98 -16.75 39.15
N ARG H 65 -30.49 -15.52 39.17
CA ARG H 65 -30.02 -14.85 40.38
C ARG H 65 -30.72 -13.51 40.47
N THR H 66 -30.82 -12.96 41.68
CA THR H 66 -31.43 -11.65 41.85
C THR H 66 -30.36 -10.56 41.91
N LEU H 67 -30.78 -9.34 41.62
CA LEU H 67 -29.86 -8.21 41.62
C LEU H 67 -29.27 -7.96 43.01
N SER H 68 -29.90 -8.47 44.06
CA SER H 68 -29.42 -8.23 45.42
C SER H 68 -28.09 -8.94 45.68
N ASP H 69 -27.91 -10.13 45.14
CA ASP H 69 -26.68 -10.88 45.42
C ASP H 69 -25.44 -10.17 44.88
N TYR H 70 -25.57 -9.48 43.75
CA TYR H 70 -24.48 -8.71 43.19
C TYR H 70 -24.44 -7.28 43.73
N ASN H 71 -25.31 -6.95 44.69
CA ASN H 71 -25.37 -5.62 45.31
C ASN H 71 -25.72 -4.55 44.30
N ILE H 72 -26.69 -4.83 43.43
CA ILE H 72 -27.28 -3.80 42.59
C ILE H 72 -28.29 -3.03 43.45
N ARG H 73 -28.02 -1.76 43.66
CA ARG H 73 -28.90 -0.86 44.40
C ARG H 73 -29.58 0.10 43.43
N THR H 74 -30.42 0.97 43.97
CA THR H 74 -31.08 1.96 43.12
C THR H 74 -30.05 2.92 42.54
N GLY H 75 -30.21 3.25 41.26
CA GLY H 75 -29.26 4.07 40.56
C GLY H 75 -28.09 3.32 39.95
N SER H 76 -28.00 2.01 40.17
CA SER H 76 -26.90 1.24 39.62
C SER H 76 -27.00 1.16 38.11
N ILE H 77 -25.84 1.13 37.45
CA ILE H 77 -25.75 1.10 35.99
C ILE H 77 -25.07 -0.20 35.60
N LEU H 78 -25.76 -0.99 34.75
CA LEU H 78 -25.22 -2.25 34.26
C LEU H 78 -24.75 -2.09 32.83
N GLU H 79 -23.76 -2.89 32.44
CA GLU H 79 -23.30 -2.96 31.07
C GLU H 79 -23.98 -4.12 30.35
N LEU H 80 -24.46 -3.85 29.14
CA LEU H 80 -25.03 -4.88 28.27
C LEU H 80 -24.20 -4.95 26.99
N VAL H 81 -23.85 -6.15 26.58
CA VAL H 81 -23.13 -6.37 25.32
C VAL H 81 -23.90 -7.41 24.51
N LEU H 82 -23.89 -7.23 23.19
CA LEU H 82 -24.68 -8.03 22.27
C LEU H 82 -23.81 -9.10 21.63
N ARG H 83 -24.36 -9.79 20.63
CA ARG H 83 -23.60 -10.80 19.89
C ARG H 83 -23.14 -10.26 18.54
C1 GOL I . 13.34 -19.12 -31.94
O1 GOL I . 13.31 -17.78 -32.30
C2 GOL I . 12.21 -19.83 -32.73
O2 GOL I . 10.98 -19.67 -32.13
C3 GOL I . 12.25 -19.23 -34.15
O3 GOL I . 12.78 -20.23 -34.96
C1 GOL J . 8.61 -5.20 3.27
O1 GOL J . 7.99 -4.10 3.91
C2 GOL J . 8.41 -5.04 1.72
O2 GOL J . 9.04 -6.07 1.02
C3 GOL J . 6.87 -5.06 1.52
O3 GOL J . 6.63 -4.89 0.14
C1 GOL K . 7.88 -8.89 -18.14
O1 GOL K . 6.53 -8.65 -18.37
C2 GOL K . 7.99 -9.22 -16.65
O2 GOL K . 7.08 -10.19 -16.29
C3 GOL K . 9.45 -9.68 -16.44
O3 GOL K . 9.52 -10.12 -15.12
C1 GOL L . -1.53 6.64 5.20
O1 GOL L . -0.87 5.42 5.22
C2 GOL L . -0.46 7.75 5.22
O2 GOL L . 0.38 7.70 4.13
C3 GOL L . -1.25 9.08 5.31
O3 GOL L . -1.68 9.38 4.01
C1 GOL M . -18.55 13.31 28.71
O1 GOL M . -19.87 12.85 28.67
C2 GOL M . -17.90 12.79 30.03
O2 GOL M . -17.45 13.83 30.84
C3 GOL M . -18.99 11.95 30.73
O3 GOL M . -19.36 10.96 29.82
#